data_2NB2
#
_entry.id   2NB2
#
_entity_poly.entity_id   1
_entity_poly.type   'polypeptide(L)'
_entity_poly.pdbx_seq_one_letter_code
;DRYQDCLSECNSRCTYIPDYAGMRACIGLCAPACLTSR
;
_entity_poly.pdbx_strand_id   A
#
# COMPACT_ATOMS: atom_id res chain seq x y z
N ASP A 1 -7.34 -10.24 -8.86
CA ASP A 1 -6.50 -9.52 -9.81
C ASP A 1 -5.22 -9.03 -9.15
N ARG A 2 -4.20 -8.78 -9.95
CA ARG A 2 -2.91 -8.31 -9.45
C ARG A 2 -3.10 -7.05 -8.60
N TYR A 3 -4.13 -6.28 -8.92
CA TYR A 3 -4.41 -5.05 -8.20
C TYR A 3 -4.86 -5.34 -6.77
N GLN A 4 -5.85 -6.22 -6.63
CA GLN A 4 -6.37 -6.60 -5.33
C GLN A 4 -5.28 -7.26 -4.48
N ASP A 5 -4.56 -8.20 -5.08
CA ASP A 5 -3.49 -8.92 -4.39
C ASP A 5 -2.43 -7.95 -3.89
N CYS A 6 -1.87 -7.16 -4.81
CA CYS A 6 -0.84 -6.20 -4.47
C CYS A 6 -1.29 -5.28 -3.33
N LEU A 7 -2.47 -4.66 -3.52
CA LEU A 7 -3.03 -3.77 -2.52
C LEU A 7 -3.18 -4.48 -1.18
N SER A 8 -3.74 -5.69 -1.23
CA SER A 8 -3.95 -6.48 -0.02
C SER A 8 -2.67 -6.62 0.78
N GLU A 9 -1.69 -7.32 0.21
CA GLU A 9 -0.41 -7.53 0.88
C GLU A 9 0.24 -6.20 1.23
N CYS A 10 0.17 -5.24 0.30
CA CYS A 10 0.75 -3.93 0.51
C CYS A 10 0.22 -3.29 1.79
N ASN A 11 -1.10 -3.18 1.90
CA ASN A 11 -1.72 -2.59 3.08
C ASN A 11 -1.31 -3.35 4.34
N SER A 12 -1.51 -4.66 4.33
CA SER A 12 -1.17 -5.50 5.47
C SER A 12 0.34 -5.45 5.75
N ARG A 13 1.09 -4.98 4.76
CA ARG A 13 2.55 -4.88 4.90
C ARG A 13 2.94 -3.56 5.56
N CYS A 14 2.28 -2.48 5.16
CA CYS A 14 2.56 -1.16 5.70
C CYS A 14 1.69 -0.89 6.93
N THR A 15 0.79 -1.81 7.23
CA THR A 15 -0.10 -1.67 8.37
C THR A 15 0.69 -1.66 9.68
N TYR A 16 1.95 -2.07 9.61
CA TYR A 16 2.80 -2.11 10.79
C TYR A 16 3.25 -0.71 11.19
N ILE A 17 3.04 0.25 10.29
CA ILE A 17 3.42 1.63 10.56
C ILE A 17 2.60 2.22 11.70
N PRO A 18 3.29 2.61 12.78
CA PRO A 18 2.66 3.21 13.96
C PRO A 18 2.10 4.59 13.68
N ASP A 19 2.75 5.33 12.80
CA ASP A 19 2.32 6.68 12.44
C ASP A 19 1.13 6.63 11.49
N TYR A 20 0.05 7.30 11.86
CA TYR A 20 -1.16 7.33 11.04
C TYR A 20 -0.90 8.05 9.72
N ALA A 21 -0.13 9.13 9.79
CA ALA A 21 0.20 9.90 8.60
C ALA A 21 1.10 9.11 7.65
N GLY A 22 2.18 8.57 8.19
CA GLY A 22 3.10 7.80 7.38
C GLY A 22 2.47 6.55 6.81
N MET A 23 1.55 5.95 7.57
CA MET A 23 0.85 4.74 7.13
C MET A 23 -0.12 5.06 6.00
N ARG A 24 -0.90 6.10 6.18
CA ARG A 24 -1.89 6.51 5.18
C ARG A 24 -1.20 6.89 3.88
N ALA A 25 -0.10 7.64 3.99
CA ALA A 25 0.65 8.09 2.81
C ALA A 25 1.34 6.91 2.14
N CYS A 26 1.92 6.02 2.95
CA CYS A 26 2.62 4.86 2.42
C CYS A 26 1.68 3.96 1.64
N ILE A 27 0.53 3.64 2.25
CA ILE A 27 -0.46 2.80 1.60
C ILE A 27 -1.19 3.54 0.48
N GLY A 28 -1.31 4.86 0.64
CA GLY A 28 -1.99 5.66 -0.35
C GLY A 28 -1.16 5.82 -1.62
N LEU A 29 0.15 5.81 -1.47
CA LEU A 29 1.05 5.95 -2.61
C LEU A 29 1.54 4.59 -3.09
N CYS A 30 1.49 3.59 -2.21
CA CYS A 30 1.92 2.25 -2.54
C CYS A 30 1.09 1.68 -3.69
N ALA A 31 -0.22 1.83 -3.59
CA ALA A 31 -1.13 1.32 -4.62
C ALA A 31 -0.83 1.96 -5.96
N PRO A 32 -0.93 3.29 -6.04
CA PRO A 32 -0.67 4.04 -7.27
C PRO A 32 0.64 3.63 -7.94
N ALA A 33 1.70 3.57 -7.15
CA ALA A 33 3.01 3.19 -7.66
C ALA A 33 3.02 1.73 -8.12
N CYS A 34 2.27 0.89 -7.41
CA CYS A 34 2.20 -0.53 -7.75
C CYS A 34 1.44 -0.73 -9.06
N LEU A 35 0.35 0.01 -9.22
CA LEU A 35 -0.47 -0.09 -10.43
C LEU A 35 0.27 0.49 -11.64
N THR A 36 1.02 1.57 -11.40
CA THR A 36 1.78 2.22 -12.46
C THR A 36 3.04 1.44 -12.79
N SER A 37 3.57 0.74 -11.80
CA SER A 37 4.79 -0.05 -11.99
C SER A 37 4.45 -1.45 -12.50
N ARG A 38 3.23 -1.89 -12.24
CA ARG A 38 2.79 -3.21 -12.67
C ARG A 38 1.87 -3.11 -13.89
N ASP A 1 -6.97 -10.30 -8.59
CA ASP A 1 -6.01 -9.80 -9.57
C ASP A 1 -4.74 -9.32 -8.88
N ARG A 2 -3.67 -9.20 -9.66
CA ARG A 2 -2.39 -8.74 -9.11
C ARG A 2 -2.55 -7.44 -8.33
N TYR A 3 -3.52 -6.64 -8.74
CA TYR A 3 -3.79 -5.37 -8.09
C TYR A 3 -4.34 -5.57 -6.68
N GLN A 4 -5.37 -6.39 -6.57
CA GLN A 4 -5.99 -6.68 -5.28
C GLN A 4 -4.98 -7.31 -4.32
N ASP A 5 -4.23 -8.29 -4.83
CA ASP A 5 -3.23 -8.97 -4.02
C ASP A 5 -2.14 -8.00 -3.56
N CYS A 6 -1.58 -7.25 -4.51
CA CYS A 6 -0.54 -6.28 -4.19
C CYS A 6 -0.98 -5.35 -3.07
N LEU A 7 -2.13 -4.70 -3.26
CA LEU A 7 -2.67 -3.79 -2.26
C LEU A 7 -2.94 -4.51 -0.94
N SER A 8 -3.47 -5.72 -1.04
CA SER A 8 -3.79 -6.51 0.15
C SER A 8 -2.56 -6.67 1.02
N GLU A 9 -1.60 -7.47 0.56
CA GLU A 9 -0.37 -7.71 1.31
C GLU A 9 0.29 -6.40 1.70
N CYS A 10 0.36 -5.46 0.76
CA CYS A 10 0.97 -4.16 1.02
C CYS A 10 0.32 -3.49 2.23
N ASN A 11 -1.00 -3.43 2.23
CA ASN A 11 -1.74 -2.82 3.33
C ASN A 11 -1.41 -3.49 4.66
N SER A 12 -1.59 -4.80 4.71
CA SER A 12 -1.32 -5.56 5.92
C SER A 12 0.16 -5.51 6.27
N ARG A 13 0.98 -5.11 5.31
CA ARG A 13 2.43 -5.01 5.51
C ARG A 13 2.80 -3.64 6.07
N CYS A 14 2.14 -2.60 5.57
CA CYS A 14 2.41 -1.24 6.02
C CYS A 14 1.51 -0.86 7.20
N THR A 15 0.58 -1.76 7.52
CA THR A 15 -0.35 -1.53 8.63
C THR A 15 0.40 -1.44 9.95
N TYR A 16 1.66 -1.88 9.96
CA TYR A 16 2.47 -1.85 11.17
C TYR A 16 2.93 -0.43 11.47
N ILE A 17 2.78 0.46 10.51
CA ILE A 17 3.18 1.86 10.67
C ILE A 17 2.34 2.54 11.75
N PRO A 18 3.01 2.91 12.85
CA PRO A 18 2.36 3.58 13.98
C PRO A 18 1.93 5.01 13.63
N ASP A 19 2.55 5.58 12.61
CA ASP A 19 2.24 6.93 12.18
C ASP A 19 1.02 6.94 11.24
N TYR A 20 -0.04 7.63 11.66
CA TYR A 20 -1.25 7.71 10.86
C TYR A 20 -0.97 8.30 9.49
N ALA A 21 -0.33 9.47 9.47
CA ALA A 21 0.00 10.14 8.22
C ALA A 21 0.92 9.27 7.37
N GLY A 22 2.01 8.82 7.96
CA GLY A 22 2.96 8.00 7.23
C GLY A 22 2.31 6.74 6.66
N MET A 23 1.53 6.06 7.48
CA MET A 23 0.86 4.84 7.05
C MET A 23 -0.12 5.13 5.91
N ARG A 24 -0.98 6.12 6.10
CA ARG A 24 -1.96 6.50 5.09
C ARG A 24 -1.28 6.81 3.77
N ALA A 25 -0.16 7.55 3.83
CA ALA A 25 0.59 7.92 2.64
C ALA A 25 1.23 6.70 2.00
N CYS A 26 1.67 5.76 2.83
CA CYS A 26 2.32 4.55 2.35
C CYS A 26 1.30 3.64 1.67
N ILE A 27 0.23 3.31 2.38
CA ILE A 27 -0.82 2.44 1.84
C ILE A 27 -1.55 3.13 0.70
N GLY A 28 -1.68 4.45 0.78
CA GLY A 28 -2.36 5.19 -0.26
C GLY A 28 -1.52 5.34 -1.52
N LEU A 29 -0.22 5.49 -1.33
CA LEU A 29 0.70 5.64 -2.46
C LEU A 29 1.18 4.28 -2.97
N CYS A 30 0.95 3.24 -2.15
CA CYS A 30 1.37 1.90 -2.52
C CYS A 30 0.66 1.44 -3.80
N ALA A 31 -0.64 1.67 -3.88
CA ALA A 31 -1.42 1.29 -5.04
C ALA A 31 -0.90 1.98 -6.30
N PRO A 32 -0.93 3.32 -6.30
CA PRO A 32 -0.47 4.12 -7.43
C PRO A 32 0.90 3.68 -7.94
N ALA A 33 1.85 3.50 -7.01
CA ALA A 33 3.19 3.08 -7.37
C ALA A 33 3.19 1.63 -7.84
N CYS A 34 2.35 0.81 -7.24
CA CYS A 34 2.25 -0.60 -7.60
C CYS A 34 1.68 -0.77 -9.01
N LEU A 35 0.76 0.12 -9.37
CA LEU A 35 0.13 0.07 -10.69
C LEU A 35 1.04 0.68 -11.75
N THR A 36 1.75 1.74 -11.37
CA THR A 36 2.65 2.42 -12.28
C THR A 36 3.95 1.63 -12.46
N SER A 37 4.30 0.85 -11.45
CA SER A 37 5.51 0.05 -11.50
C SER A 37 5.21 -1.39 -11.94
N ARG A 38 3.96 -1.81 -11.72
CA ARG A 38 3.54 -3.16 -12.09
C ARG A 38 4.38 -4.21 -11.38
N ASP A 1 -6.68 -8.61 -10.50
CA ASP A 1 -5.96 -9.71 -9.87
C ASP A 1 -4.73 -9.20 -9.13
N ARG A 2 -3.68 -8.88 -9.88
CA ARG A 2 -2.45 -8.37 -9.30
C ARG A 2 -2.71 -7.10 -8.49
N TYR A 3 -3.74 -6.37 -8.88
CA TYR A 3 -4.09 -5.13 -8.19
C TYR A 3 -4.62 -5.42 -6.78
N GLN A 4 -5.57 -6.33 -6.69
CA GLN A 4 -6.16 -6.70 -5.42
C GLN A 4 -5.12 -7.34 -4.50
N ASP A 5 -4.38 -8.29 -5.04
CA ASP A 5 -3.34 -8.98 -4.28
C ASP A 5 -2.28 -8.00 -3.79
N CYS A 6 -1.86 -7.10 -4.66
CA CYS A 6 -0.85 -6.11 -4.32
C CYS A 6 -1.33 -5.22 -3.17
N LEU A 7 -2.45 -4.54 -3.38
CA LEU A 7 -3.01 -3.65 -2.37
C LEU A 7 -3.24 -4.41 -1.06
N SER A 8 -3.77 -5.62 -1.16
CA SER A 8 -4.05 -6.44 0.01
C SER A 8 -2.78 -6.66 0.82
N GLU A 9 -1.84 -7.41 0.25
CA GLU A 9 -0.58 -7.69 0.93
C GLU A 9 0.11 -6.41 1.38
N CYS A 10 0.20 -5.45 0.47
CA CYS A 10 0.83 -4.15 0.77
C CYS A 10 0.18 -3.51 2.00
N ASN A 11 -1.15 -3.51 2.03
CA ASN A 11 -1.89 -2.92 3.14
C ASN A 11 -1.52 -3.60 4.45
N SER A 12 -1.72 -4.90 4.52
CA SER A 12 -1.41 -5.67 5.72
C SER A 12 0.09 -5.64 6.01
N ARG A 13 0.87 -5.24 5.02
CA ARG A 13 2.32 -5.17 5.16
C ARG A 13 2.74 -3.84 5.76
N CYS A 14 2.07 -2.76 5.35
CA CYS A 14 2.37 -1.43 5.84
C CYS A 14 1.48 -1.08 7.03
N THR A 15 0.53 -1.96 7.33
CA THR A 15 -0.39 -1.74 8.45
C THR A 15 0.36 -1.71 9.78
N TYR A 16 1.61 -2.17 9.76
CA TYR A 16 2.43 -2.19 10.97
C TYR A 16 2.90 -0.78 11.32
N ILE A 17 2.80 0.13 10.37
CA ILE A 17 3.22 1.51 10.58
C ILE A 17 2.37 2.19 11.65
N PRO A 18 2.99 2.51 12.79
CA PRO A 18 2.31 3.17 13.91
C PRO A 18 1.93 4.61 13.59
N ASP A 19 2.68 5.22 12.68
CA ASP A 19 2.43 6.60 12.27
C ASP A 19 1.15 6.70 11.45
N TYR A 20 0.27 7.63 11.83
CA TYR A 20 -0.98 7.83 11.14
C TYR A 20 -0.75 8.24 9.69
N ALA A 21 -0.31 9.49 9.50
CA ALA A 21 -0.03 10.01 8.16
C ALA A 21 0.93 9.10 7.40
N GLY A 22 2.01 8.71 8.07
CA GLY A 22 2.99 7.84 7.44
C GLY A 22 2.36 6.60 6.84
N MET A 23 1.55 5.90 7.62
CA MET A 23 0.89 4.68 7.16
C MET A 23 -0.09 5.00 6.04
N ARG A 24 -0.74 6.15 6.14
CA ARG A 24 -1.72 6.56 5.13
C ARG A 24 -1.02 6.87 3.81
N ALA A 25 0.14 7.52 3.89
CA ALA A 25 0.90 7.87 2.69
C ALA A 25 1.48 6.62 2.03
N CYS A 26 1.94 5.69 2.84
CA CYS A 26 2.52 4.46 2.34
C CYS A 26 1.46 3.60 1.65
N ILE A 27 0.41 3.26 2.39
CA ILE A 27 -0.67 2.44 1.85
C ILE A 27 -1.42 3.18 0.75
N GLY A 28 -1.51 4.50 0.88
CA GLY A 28 -2.20 5.31 -0.11
C GLY A 28 -1.41 5.47 -1.39
N LEU A 29 -0.09 5.59 -1.26
CA LEU A 29 0.78 5.74 -2.42
C LEU A 29 1.21 4.38 -2.97
N CYS A 30 0.98 3.34 -2.18
CA CYS A 30 1.33 1.98 -2.58
C CYS A 30 0.58 1.58 -3.84
N ALA A 31 -0.72 1.86 -3.87
CA ALA A 31 -1.56 1.52 -5.02
C ALA A 31 -1.06 2.22 -6.28
N PRO A 32 -1.04 3.56 -6.25
CA PRO A 32 -0.59 4.37 -7.38
C PRO A 32 0.74 3.89 -7.94
N ALA A 33 1.72 3.69 -7.06
CA ALA A 33 3.04 3.22 -7.48
C ALA A 33 2.98 1.78 -7.98
N CYS A 34 2.14 0.96 -7.35
CA CYS A 34 1.99 -0.43 -7.73
C CYS A 34 1.38 -0.54 -9.13
N LEU A 35 0.44 0.34 -9.43
CA LEU A 35 -0.23 0.34 -10.72
C LEU A 35 0.71 0.87 -11.82
N THR A 36 1.39 1.97 -11.52
CA THR A 36 2.31 2.58 -12.47
C THR A 36 3.50 1.67 -12.73
N SER A 37 3.96 0.97 -11.70
CA SER A 37 5.09 0.07 -11.83
C SER A 37 4.64 -1.30 -12.36
N ARG A 38 3.38 -1.64 -12.11
CA ARG A 38 2.83 -2.92 -12.55
C ARG A 38 1.41 -2.74 -13.06
N ASP A 1 -7.67 -10.03 -8.17
CA ASP A 1 -6.79 -9.62 -9.26
C ASP A 1 -5.46 -9.12 -8.72
N ARG A 2 -4.48 -8.98 -9.60
CA ARG A 2 -3.15 -8.51 -9.22
C ARG A 2 -3.25 -7.20 -8.42
N TYR A 3 -4.12 -6.31 -8.87
CA TYR A 3 -4.30 -5.03 -8.21
C TYR A 3 -4.66 -5.23 -6.74
N GLN A 4 -5.77 -5.89 -6.48
CA GLN A 4 -6.23 -6.14 -5.12
C GLN A 4 -5.15 -6.85 -4.31
N ASP A 5 -4.41 -7.74 -4.98
CA ASP A 5 -3.33 -8.48 -4.32
C ASP A 5 -2.22 -7.55 -3.86
N CYS A 6 -1.68 -6.78 -4.80
CA CYS A 6 -0.60 -5.85 -4.50
C CYS A 6 -1.00 -4.92 -3.35
N LEU A 7 -2.17 -4.31 -3.48
CA LEU A 7 -2.67 -3.38 -2.45
C LEU A 7 -2.89 -4.11 -1.14
N SER A 8 -3.52 -5.29 -1.21
CA SER A 8 -3.79 -6.08 -0.02
C SER A 8 -2.52 -6.33 0.78
N GLU A 9 -1.60 -7.09 0.21
CA GLU A 9 -0.34 -7.39 0.87
C GLU A 9 0.36 -6.12 1.33
N CYS A 10 0.46 -5.15 0.43
CA CYS A 10 1.10 -3.87 0.74
C CYS A 10 0.47 -3.24 1.98
N ASN A 11 -0.85 -3.24 2.03
CA ASN A 11 -1.57 -2.67 3.17
C ASN A 11 -1.18 -3.37 4.47
N SER A 12 -1.39 -4.68 4.51
CA SER A 12 -1.07 -5.46 5.70
C SER A 12 0.43 -5.44 5.97
N ARG A 13 1.21 -5.03 4.97
CA ARG A 13 2.66 -4.96 5.10
C ARG A 13 3.08 -3.63 5.71
N CYS A 14 2.43 -2.56 5.29
CA CYS A 14 2.75 -1.22 5.78
C CYS A 14 1.90 -0.89 7.01
N THR A 15 0.95 -1.75 7.32
CA THR A 15 0.07 -1.55 8.46
C THR A 15 0.86 -1.57 9.77
N TYR A 16 2.11 -2.03 9.70
CA TYR A 16 2.96 -2.10 10.87
C TYR A 16 3.38 -0.72 11.33
N ILE A 17 3.10 0.29 10.50
CA ILE A 17 3.45 1.67 10.82
C ILE A 17 2.42 2.28 11.75
N PRO A 18 2.85 2.58 12.99
CA PRO A 18 1.97 3.18 14.00
C PRO A 18 1.61 4.64 13.67
N ASP A 19 2.37 5.23 12.75
CA ASP A 19 2.14 6.61 12.34
C ASP A 19 0.98 6.70 11.35
N TYR A 20 -0.07 7.42 11.72
CA TYR A 20 -1.23 7.58 10.87
C TYR A 20 -0.84 8.20 9.52
N ALA A 21 -0.28 9.40 9.57
CA ALA A 21 0.15 10.10 8.37
C ALA A 21 1.06 9.22 7.53
N GLY A 22 2.12 8.70 8.15
CA GLY A 22 3.06 7.85 7.43
C GLY A 22 2.38 6.68 6.76
N MET A 23 1.66 5.88 7.53
CA MET A 23 0.96 4.72 7.00
C MET A 23 0.04 5.12 5.86
N ARG A 24 -0.82 6.09 6.12
CA ARG A 24 -1.77 6.57 5.10
C ARG A 24 -1.04 6.95 3.82
N ALA A 25 0.10 7.62 3.97
CA ALA A 25 0.90 8.04 2.82
C ALA A 25 1.52 6.85 2.11
N CYS A 26 2.03 5.91 2.89
CA CYS A 26 2.65 4.71 2.34
C CYS A 26 1.63 3.85 1.59
N ILE A 27 0.56 3.47 2.29
CA ILE A 27 -0.48 2.67 1.68
C ILE A 27 -1.21 3.42 0.58
N GLY A 28 -1.35 4.74 0.77
CA GLY A 28 -2.03 5.56 -0.22
C GLY A 28 -1.20 5.75 -1.48
N LEU A 29 0.11 5.75 -1.32
CA LEU A 29 1.01 5.92 -2.46
C LEU A 29 1.39 4.57 -3.06
N CYS A 30 1.21 3.51 -2.29
CA CYS A 30 1.53 2.16 -2.74
C CYS A 30 0.71 1.80 -3.98
N ALA A 31 -0.59 2.12 -3.93
CA ALA A 31 -1.49 1.83 -5.04
C ALA A 31 -1.00 2.50 -6.33
N PRO A 32 -0.94 3.83 -6.30
CA PRO A 32 -0.50 4.63 -7.44
C PRO A 32 0.80 4.10 -8.06
N ALA A 33 1.79 3.85 -7.21
CA ALA A 33 3.07 3.34 -7.67
C ALA A 33 2.91 1.96 -8.32
N CYS A 34 2.25 1.06 -7.60
CA CYS A 34 2.03 -0.29 -8.11
C CYS A 34 1.17 -0.27 -9.36
N LEU A 35 0.44 0.82 -9.56
CA LEU A 35 -0.43 0.96 -10.72
C LEU A 35 0.39 1.29 -11.98
N THR A 36 1.14 2.39 -11.91
CA THR A 36 1.96 2.81 -13.03
C THR A 36 3.10 1.82 -13.28
N SER A 37 3.50 1.11 -12.24
CA SER A 37 4.58 0.13 -12.36
C SER A 37 4.03 -1.24 -12.74
N ARG A 38 2.80 -1.52 -12.31
CA ARG A 38 2.17 -2.79 -12.61
C ARG A 38 0.65 -2.62 -12.73
N ASP A 1 -6.26 -11.19 -8.76
CA ASP A 1 -5.19 -10.85 -9.68
C ASP A 1 -4.03 -10.19 -8.94
N ARG A 2 -2.91 -10.02 -9.65
CA ARG A 2 -1.73 -9.40 -9.05
C ARG A 2 -2.07 -8.05 -8.45
N TYR A 3 -3.09 -7.39 -9.00
CA TYR A 3 -3.50 -6.08 -8.53
C TYR A 3 -4.08 -6.18 -7.12
N GLN A 4 -5.01 -7.11 -6.92
CA GLN A 4 -5.64 -7.30 -5.62
C GLN A 4 -4.62 -7.81 -4.60
N ASP A 5 -3.84 -8.80 -4.99
CA ASP A 5 -2.82 -9.37 -4.11
C ASP A 5 -1.79 -8.33 -3.73
N CYS A 6 -1.46 -7.45 -4.66
CA CYS A 6 -0.47 -6.40 -4.43
C CYS A 6 -1.01 -5.38 -3.43
N LEU A 7 -2.13 -4.74 -3.77
CA LEU A 7 -2.74 -3.74 -2.91
C LEU A 7 -3.03 -4.33 -1.53
N SER A 8 -3.43 -5.59 -1.49
CA SER A 8 -3.74 -6.26 -0.24
C SER A 8 -2.49 -6.42 0.62
N GLU A 9 -1.57 -7.26 0.14
CA GLU A 9 -0.32 -7.50 0.86
C GLU A 9 0.39 -6.19 1.19
N CYS A 10 0.35 -5.25 0.25
CA CYS A 10 0.99 -3.95 0.44
C CYS A 10 0.38 -3.23 1.65
N ASN A 11 -0.94 -3.12 1.67
CA ASN A 11 -1.64 -2.45 2.75
C ASN A 11 -1.30 -3.09 4.10
N SER A 12 -1.46 -4.41 4.17
CA SER A 12 -1.18 -5.15 5.39
C SER A 12 0.31 -5.12 5.72
N ARG A 13 1.13 -4.82 4.71
CA ARG A 13 2.57 -4.74 4.89
C ARG A 13 2.98 -3.42 5.51
N CYS A 14 2.27 -2.35 5.14
CA CYS A 14 2.56 -1.02 5.65
C CYS A 14 1.67 -0.71 6.86
N THR A 15 0.68 -1.55 7.09
CA THR A 15 -0.24 -1.36 8.21
C THR A 15 0.50 -1.47 9.54
N TYR A 16 1.73 -1.95 9.50
CA TYR A 16 2.54 -2.10 10.71
C TYR A 16 2.94 -0.74 11.26
N ILE A 17 2.85 0.29 10.42
CA ILE A 17 3.20 1.64 10.83
C ILE A 17 2.26 2.15 11.92
N PRO A 18 2.81 2.37 13.12
CA PRO A 18 2.04 2.86 14.26
C PRO A 18 1.61 4.32 14.09
N ASP A 19 2.25 5.01 13.16
CA ASP A 19 1.94 6.40 12.89
C ASP A 19 0.83 6.53 11.86
N TYR A 20 -0.24 7.22 12.24
CA TYR A 20 -1.39 7.40 11.34
C TYR A 20 -0.98 8.20 10.11
N ALA A 21 -0.16 9.22 10.31
CA ALA A 21 0.30 10.05 9.20
C ALA A 21 1.19 9.26 8.26
N GLY A 22 2.33 8.80 8.77
CA GLY A 22 3.26 8.04 7.95
C GLY A 22 2.59 6.89 7.24
N MET A 23 1.70 6.19 7.95
CA MET A 23 0.99 5.06 7.37
C MET A 23 0.09 5.50 6.22
N ARG A 24 -0.74 6.51 6.48
CA ARG A 24 -1.64 7.02 5.46
C ARG A 24 -0.89 7.39 4.19
N ALA A 25 0.22 8.10 4.36
CA ALA A 25 1.04 8.51 3.21
C ALA A 25 1.60 7.30 2.47
N CYS A 26 2.10 6.33 3.23
CA CYS A 26 2.67 5.13 2.64
C CYS A 26 1.62 4.34 1.88
N ILE A 27 0.60 3.86 2.60
CA ILE A 27 -0.48 3.09 1.99
C ILE A 27 -1.14 3.89 0.86
N GLY A 28 -1.15 5.20 0.99
CA GLY A 28 -1.74 6.05 -0.03
C GLY A 28 -0.96 6.03 -1.33
N LEU A 29 0.35 6.16 -1.23
CA LEU A 29 1.20 6.16 -2.41
C LEU A 29 1.48 4.73 -2.89
N CYS A 30 1.16 3.77 -2.04
CA CYS A 30 1.35 2.36 -2.37
C CYS A 30 0.56 1.97 -3.62
N ALA A 31 -0.70 2.41 -3.67
CA ALA A 31 -1.56 2.11 -4.80
C ALA A 31 -0.97 2.65 -6.10
N PRO A 32 -0.79 3.98 -6.15
CA PRO A 32 -0.23 4.66 -7.33
C PRO A 32 1.04 3.97 -7.84
N ALA A 33 1.95 3.67 -6.93
CA ALA A 33 3.21 3.02 -7.29
C ALA A 33 2.94 1.64 -7.91
N CYS A 34 2.14 0.84 -7.22
CA CYS A 34 1.82 -0.51 -7.71
C CYS A 34 1.06 -0.43 -9.03
N LEU A 35 0.33 0.64 -9.24
CA LEU A 35 -0.45 0.83 -10.46
C LEU A 35 0.47 1.12 -11.64
N THR A 36 1.45 2.01 -11.43
CA THR A 36 2.39 2.37 -12.48
C THR A 36 3.43 1.28 -12.67
N SER A 37 3.64 0.47 -11.65
CA SER A 37 4.62 -0.61 -11.70
C SER A 37 3.98 -1.90 -12.22
N ARG A 38 2.66 -2.00 -12.05
CA ARG A 38 1.93 -3.19 -12.51
C ARG A 38 2.00 -3.31 -14.03
N ASP A 1 -7.24 -10.07 -8.86
CA ASP A 1 -6.24 -9.50 -9.75
C ASP A 1 -5.02 -9.04 -8.96
N ARG A 2 -3.86 -8.99 -9.63
CA ARG A 2 -2.63 -8.56 -8.99
C ARG A 2 -2.81 -7.22 -8.29
N TYR A 3 -3.65 -6.36 -8.88
CA TYR A 3 -3.91 -5.04 -8.31
C TYR A 3 -4.51 -5.16 -6.91
N GLN A 4 -5.60 -5.90 -6.81
CA GLN A 4 -6.27 -6.09 -5.52
C GLN A 4 -5.35 -6.77 -4.52
N ASP A 5 -4.74 -7.87 -4.93
CA ASP A 5 -3.82 -8.62 -4.07
C ASP A 5 -2.67 -7.72 -3.60
N CYS A 6 -2.21 -6.86 -4.49
CA CYS A 6 -1.11 -5.95 -4.19
C CYS A 6 -1.52 -4.96 -3.09
N LEU A 7 -2.60 -4.23 -3.32
CA LEU A 7 -3.09 -3.26 -2.36
C LEU A 7 -3.34 -3.91 -1.00
N SER A 8 -3.97 -5.08 -1.03
CA SER A 8 -4.27 -5.81 0.20
C SER A 8 -3.00 -6.11 0.99
N GLU A 9 -2.15 -6.97 0.43
CA GLU A 9 -0.90 -7.33 1.08
C GLU A 9 -0.09 -6.09 1.45
N CYS A 10 -0.06 -5.12 0.54
CA CYS A 10 0.68 -3.88 0.77
C CYS A 10 0.12 -3.14 1.99
N ASN A 11 -1.20 -3.10 2.09
CA ASN A 11 -1.87 -2.41 3.20
C ASN A 11 -1.48 -3.05 4.53
N SER A 12 -1.76 -4.34 4.66
CA SER A 12 -1.44 -5.07 5.89
C SER A 12 0.07 -5.09 6.13
N ARG A 13 0.84 -4.85 5.08
CA ARG A 13 2.30 -4.84 5.19
C ARG A 13 2.80 -3.49 5.69
N CYS A 14 2.18 -2.41 5.20
CA CYS A 14 2.56 -1.06 5.59
C CYS A 14 1.84 -0.63 6.86
N THR A 15 0.81 -1.41 7.23
CA THR A 15 0.03 -1.12 8.42
C THR A 15 0.89 -1.22 9.69
N TYR A 16 2.07 -1.80 9.54
CA TYR A 16 2.98 -1.95 10.66
C TYR A 16 3.54 -0.60 11.11
N ILE A 17 3.37 0.41 10.26
CA ILE A 17 3.85 1.75 10.57
C ILE A 17 3.14 2.34 11.78
N PRO A 18 3.92 2.84 12.74
CA PRO A 18 3.38 3.45 13.96
C PRO A 18 2.68 4.78 13.69
N ASP A 19 3.18 5.51 12.70
CA ASP A 19 2.62 6.80 12.34
C ASP A 19 1.42 6.63 11.39
N TYR A 20 0.27 7.16 11.80
CA TYR A 20 -0.94 7.07 10.99
C TYR A 20 -0.77 7.80 9.66
N ALA A 21 -0.11 8.95 9.71
CA ALA A 21 0.11 9.75 8.51
C ALA A 21 0.96 8.99 7.50
N GLY A 22 2.08 8.43 7.96
CA GLY A 22 2.96 7.67 7.09
C GLY A 22 2.29 6.42 6.55
N MET A 23 1.50 5.76 7.38
CA MET A 23 0.81 4.55 6.96
C MET A 23 -0.23 4.83 5.89
N ARG A 24 -0.95 5.94 6.06
CA ARG A 24 -1.98 6.34 5.10
C ARG A 24 -1.35 6.75 3.77
N ALA A 25 -0.31 7.58 3.84
CA ALA A 25 0.38 8.04 2.63
C ALA A 25 1.04 6.88 1.91
N CYS A 26 1.56 5.92 2.67
CA CYS A 26 2.24 4.77 2.10
C CYS A 26 1.24 3.86 1.38
N ILE A 27 0.25 3.36 2.12
CA ILE A 27 -0.77 2.49 1.57
C ILE A 27 -1.52 3.18 0.43
N GLY A 28 -1.65 4.50 0.53
CA GLY A 28 -2.35 5.26 -0.49
C GLY A 28 -1.56 5.35 -1.79
N LEU A 29 -0.30 5.73 -1.69
CA LEU A 29 0.56 5.85 -2.86
C LEU A 29 1.03 4.49 -3.33
N CYS A 30 0.83 3.48 -2.50
CA CYS A 30 1.24 2.11 -2.82
C CYS A 30 0.53 1.63 -4.09
N ALA A 31 -0.77 1.86 -4.16
CA ALA A 31 -1.56 1.45 -5.31
C ALA A 31 -1.03 2.07 -6.60
N PRO A 32 -1.03 3.42 -6.64
CA PRO A 32 -0.55 4.16 -7.81
C PRO A 32 0.81 3.66 -8.30
N ALA A 33 1.75 3.52 -7.37
CA ALA A 33 3.09 3.03 -7.70
C ALA A 33 3.06 1.57 -8.11
N CYS A 34 2.09 0.83 -7.58
CA CYS A 34 1.96 -0.59 -7.88
C CYS A 34 1.38 -0.80 -9.28
N LEU A 35 0.42 0.02 -9.65
CA LEU A 35 -0.21 -0.07 -10.96
C LEU A 35 0.72 0.45 -12.05
N THR A 36 1.49 1.48 -11.71
CA THR A 36 2.43 2.08 -12.65
C THR A 36 3.67 1.20 -12.83
N SER A 37 4.13 0.60 -11.73
CA SER A 37 5.30 -0.25 -11.76
C SER A 37 4.95 -1.63 -12.32
N ARG A 38 3.72 -2.06 -12.09
CA ARG A 38 3.26 -3.36 -12.57
C ARG A 38 2.36 -3.20 -13.79
N ASP A 1 -7.46 -10.98 -8.26
CA ASP A 1 -6.64 -10.50 -9.37
C ASP A 1 -5.32 -9.92 -8.86
N ARG A 2 -4.37 -9.74 -9.77
CA ARG A 2 -3.07 -9.19 -9.42
C ARG A 2 -3.21 -7.89 -8.65
N TYR A 3 -4.21 -7.09 -9.02
CA TYR A 3 -4.45 -5.80 -8.38
C TYR A 3 -4.80 -6.00 -6.90
N GLN A 4 -5.85 -6.78 -6.65
CA GLN A 4 -6.29 -7.05 -5.29
C GLN A 4 -5.16 -7.66 -4.46
N ASP A 5 -4.37 -8.52 -5.10
CA ASP A 5 -3.26 -9.19 -4.43
C ASP A 5 -2.24 -8.16 -3.94
N CYS A 6 -1.70 -7.38 -4.87
CA CYS A 6 -0.71 -6.36 -4.53
C CYS A 6 -1.23 -5.43 -3.45
N LEU A 7 -2.40 -4.85 -3.69
CA LEU A 7 -3.02 -3.93 -2.73
C LEU A 7 -3.21 -4.60 -1.38
N SER A 8 -3.73 -5.82 -1.40
CA SER A 8 -3.97 -6.58 -0.17
C SER A 8 -2.69 -6.68 0.66
N GLU A 9 -1.71 -7.43 0.14
CA GLU A 9 -0.44 -7.60 0.84
C GLU A 9 0.19 -6.25 1.17
N CYS A 10 0.03 -5.29 0.25
CA CYS A 10 0.58 -3.95 0.45
C CYS A 10 0.08 -3.34 1.76
N ASN A 11 -1.24 -3.20 1.87
CA ASN A 11 -1.84 -2.63 3.06
C ASN A 11 -1.44 -3.41 4.31
N SER A 12 -1.58 -4.73 4.24
CA SER A 12 -1.24 -5.60 5.35
C SER A 12 0.26 -5.53 5.66
N ARG A 13 1.03 -5.05 4.70
CA ARG A 13 2.47 -4.92 4.86
C ARG A 13 2.83 -3.61 5.54
N CYS A 14 2.11 -2.55 5.21
CA CYS A 14 2.36 -1.24 5.79
C CYS A 14 1.47 -1.01 7.01
N THR A 15 0.59 -1.97 7.28
CA THR A 15 -0.32 -1.87 8.42
C THR A 15 0.44 -1.86 9.73
N TYR A 16 1.73 -2.22 9.67
CA TYR A 16 2.56 -2.26 10.87
C TYR A 16 2.93 -0.84 11.31
N ILE A 17 2.71 0.13 10.44
CA ILE A 17 3.02 1.52 10.74
C ILE A 17 2.14 2.04 11.88
N PRO A 18 2.77 2.34 13.03
CA PRO A 18 2.07 2.84 14.21
C PRO A 18 1.55 4.26 14.00
N ASP A 19 2.12 4.96 13.03
CA ASP A 19 1.72 6.33 12.73
C ASP A 19 0.67 6.36 11.62
N TYR A 20 -0.50 6.91 11.93
CA TYR A 20 -1.59 6.99 10.97
C TYR A 20 -1.15 7.78 9.73
N ALA A 21 -0.45 8.89 9.97
CA ALA A 21 0.02 9.73 8.87
C ALA A 21 0.91 8.94 7.91
N GLY A 22 2.08 8.53 8.39
CA GLY A 22 2.99 7.77 7.57
C GLY A 22 2.33 6.58 6.91
N MET A 23 1.43 5.93 7.65
CA MET A 23 0.72 4.76 7.13
C MET A 23 -0.19 5.14 5.97
N ARG A 24 -1.00 6.18 6.19
CA ARG A 24 -1.93 6.65 5.16
C ARG A 24 -1.19 7.01 3.89
N ALA A 25 -0.05 7.69 4.04
CA ALA A 25 0.75 8.11 2.89
C ALA A 25 1.42 6.91 2.23
N CYS A 26 1.95 6.01 3.06
CA CYS A 26 2.63 4.82 2.56
C CYS A 26 1.66 3.94 1.77
N ILE A 27 0.51 3.65 2.37
CA ILE A 27 -0.49 2.81 1.72
C ILE A 27 -1.19 3.57 0.59
N GLY A 28 -1.30 4.89 0.75
CA GLY A 28 -1.95 5.71 -0.26
C GLY A 28 -1.12 5.83 -1.51
N LEU A 29 0.20 5.80 -1.36
CA LEU A 29 1.11 5.92 -2.49
C LEU A 29 1.58 4.54 -2.95
N CYS A 30 1.48 3.56 -2.07
CA CYS A 30 1.88 2.19 -2.38
C CYS A 30 1.07 1.64 -3.54
N ALA A 31 -0.25 1.81 -3.47
CA ALA A 31 -1.13 1.32 -4.52
C ALA A 31 -0.79 1.95 -5.87
N PRO A 32 -0.87 3.28 -5.94
CA PRO A 32 -0.56 4.03 -7.17
C PRO A 32 0.75 3.59 -7.80
N ALA A 33 1.80 3.50 -6.99
CA ALA A 33 3.11 3.10 -7.46
C ALA A 33 3.08 1.66 -7.99
N CYS A 34 2.35 0.79 -7.30
CA CYS A 34 2.24 -0.60 -7.69
C CYS A 34 1.49 -0.74 -9.02
N LEU A 35 0.54 0.16 -9.24
CA LEU A 35 -0.25 0.16 -10.46
C LEU A 35 0.55 0.69 -11.64
N THR A 36 1.36 1.72 -11.38
CA THR A 36 2.19 2.32 -12.41
C THR A 36 3.40 1.45 -12.74
N SER A 37 3.84 0.69 -11.76
CA SER A 37 4.99 -0.18 -11.94
C SER A 37 4.55 -1.58 -12.37
N ARG A 38 3.31 -1.94 -12.04
CA ARG A 38 2.77 -3.24 -12.40
C ARG A 38 3.55 -4.36 -11.72
N ASP A 1 -7.45 -9.62 -8.61
CA ASP A 1 -6.43 -9.26 -9.59
C ASP A 1 -5.13 -8.82 -8.90
N ARG A 2 -4.10 -8.59 -9.69
CA ARG A 2 -2.80 -8.16 -9.15
C ARG A 2 -2.97 -6.96 -8.23
N TYR A 3 -3.86 -6.04 -8.60
CA TYR A 3 -4.11 -4.84 -7.80
C TYR A 3 -4.63 -5.21 -6.43
N GLN A 4 -5.74 -5.94 -6.40
CA GLN A 4 -6.35 -6.36 -5.14
C GLN A 4 -5.33 -7.03 -4.23
N ASP A 5 -4.55 -7.94 -4.81
CA ASP A 5 -3.52 -8.66 -4.06
C ASP A 5 -2.45 -7.70 -3.55
N CYS A 6 -1.89 -6.92 -4.47
CA CYS A 6 -0.84 -5.97 -4.12
C CYS A 6 -1.30 -5.06 -2.97
N LEU A 7 -2.49 -4.49 -3.12
CA LEU A 7 -3.04 -3.60 -2.10
C LEU A 7 -3.16 -4.31 -0.76
N SER A 8 -3.72 -5.52 -0.78
CA SER A 8 -3.90 -6.31 0.42
C SER A 8 -2.56 -6.51 1.13
N GLU A 9 -1.63 -7.17 0.44
CA GLU A 9 -0.31 -7.44 1.00
C GLU A 9 0.33 -6.15 1.51
N CYS A 10 0.45 -5.16 0.63
CA CYS A 10 1.05 -3.88 1.00
C CYS A 10 0.37 -3.29 2.22
N ASN A 11 -0.96 -3.40 2.26
CA ASN A 11 -1.74 -2.87 3.38
C ASN A 11 -1.28 -3.49 4.70
N SER A 12 -1.49 -4.80 4.84
CA SER A 12 -1.10 -5.51 6.04
C SER A 12 0.40 -5.45 6.25
N ARG A 13 1.12 -5.09 5.20
CA ARG A 13 2.58 -5.00 5.27
C ARG A 13 3.01 -3.67 5.89
N CYS A 14 2.34 -2.60 5.50
CA CYS A 14 2.66 -1.27 6.02
C CYS A 14 1.78 -0.94 7.22
N THR A 15 0.85 -1.83 7.52
CA THR A 15 -0.06 -1.62 8.64
C THR A 15 0.70 -1.59 9.97
N TYR A 16 1.96 -2.02 9.93
CA TYR A 16 2.80 -2.03 11.12
C TYR A 16 3.14 -0.61 11.57
N ILE A 17 2.86 0.36 10.71
CA ILE A 17 3.14 1.75 11.01
C ILE A 17 2.05 2.36 11.87
N PRO A 18 2.40 2.70 13.12
CA PRO A 18 1.46 3.30 14.08
C PRO A 18 1.06 4.72 13.69
N ASP A 19 1.85 5.33 12.81
CA ASP A 19 1.58 6.69 12.36
C ASP A 19 0.48 6.70 11.32
N TYR A 20 -0.55 7.53 11.55
CA TYR A 20 -1.67 7.64 10.64
C TYR A 20 -1.22 8.15 9.27
N ALA A 21 -0.70 9.38 9.25
CA ALA A 21 -0.23 10.00 8.02
C ALA A 21 0.81 9.12 7.34
N GLY A 22 1.84 8.75 8.08
CA GLY A 22 2.89 7.91 7.53
C GLY A 22 2.35 6.67 6.86
N MET A 23 1.52 5.92 7.56
CA MET A 23 0.93 4.70 7.03
C MET A 23 0.00 5.02 5.86
N ARG A 24 -0.68 6.15 5.94
CA ARG A 24 -1.61 6.57 4.90
C ARG A 24 -0.86 6.89 3.61
N ALA A 25 0.31 7.51 3.75
CA ALA A 25 1.13 7.87 2.60
C ALA A 25 1.78 6.65 1.98
N CYS A 26 2.28 5.76 2.83
CA CYS A 26 2.93 4.54 2.37
C CYS A 26 1.95 3.64 1.63
N ILE A 27 0.80 3.39 2.25
CA ILE A 27 -0.23 2.55 1.64
C ILE A 27 -0.96 3.28 0.53
N GLY A 28 -1.05 4.61 0.66
CA GLY A 28 -1.72 5.41 -0.36
C GLY A 28 -0.86 5.62 -1.58
N LEU A 29 0.45 5.52 -1.41
CA LEU A 29 1.38 5.71 -2.53
C LEU A 29 1.85 4.36 -3.08
N CYS A 30 1.78 3.33 -2.24
CA CYS A 30 2.20 1.99 -2.64
C CYS A 30 1.34 1.48 -3.79
N ALA A 31 0.04 1.69 -3.69
CA ALA A 31 -0.89 1.26 -4.73
C ALA A 31 -0.57 1.92 -6.06
N PRO A 32 -0.65 3.27 -6.09
CA PRO A 32 -0.37 4.04 -7.30
C PRO A 32 0.91 3.62 -7.98
N ALA A 33 1.98 3.49 -7.20
CA ALA A 33 3.28 3.08 -7.73
C ALA A 33 3.27 1.62 -8.14
N CYS A 34 2.48 0.82 -7.43
CA CYS A 34 2.38 -0.61 -7.72
C CYS A 34 1.65 -0.86 -9.03
N LEU A 35 0.62 -0.06 -9.28
CA LEU A 35 -0.16 -0.18 -10.51
C LEU A 35 0.54 0.50 -11.68
N THR A 36 1.26 1.57 -11.38
CA THR A 36 1.99 2.32 -12.40
C THR A 36 3.28 1.61 -12.79
N SER A 37 3.85 0.87 -11.85
CA SER A 37 5.10 0.14 -12.09
C SER A 37 4.81 -1.32 -12.44
N ARG A 38 3.66 -1.81 -11.98
CA ARG A 38 3.26 -3.19 -12.24
C ARG A 38 4.26 -4.16 -11.62
N ASP A 1 -7.08 -8.50 -9.73
CA ASP A 1 -6.08 -9.54 -9.51
C ASP A 1 -4.80 -8.95 -8.94
N ARG A 2 -4.01 -8.31 -9.81
CA ARG A 2 -2.76 -7.69 -9.40
C ARG A 2 -3.01 -6.47 -8.53
N TYR A 3 -4.13 -5.80 -8.77
CA TYR A 3 -4.50 -4.61 -8.01
C TYR A 3 -4.91 -4.97 -6.58
N GLN A 4 -5.84 -5.91 -6.47
CA GLN A 4 -6.32 -6.35 -5.17
C GLN A 4 -5.23 -7.08 -4.40
N ASP A 5 -4.43 -7.87 -5.12
CA ASP A 5 -3.35 -8.63 -4.51
C ASP A 5 -2.26 -7.69 -4.00
N CYS A 6 -1.79 -6.81 -4.86
CA CYS A 6 -0.75 -5.85 -4.50
C CYS A 6 -1.19 -4.97 -3.34
N LEU A 7 -2.42 -4.45 -3.43
CA LEU A 7 -2.97 -3.60 -2.38
C LEU A 7 -3.07 -4.35 -1.07
N SER A 8 -3.68 -5.52 -1.10
CA SER A 8 -3.85 -6.33 0.10
C SER A 8 -2.51 -6.56 0.80
N GLU A 9 -1.56 -7.12 0.05
CA GLU A 9 -0.23 -7.38 0.59
C GLU A 9 0.39 -6.11 1.16
N CYS A 10 0.51 -5.09 0.32
CA CYS A 10 1.09 -3.81 0.73
C CYS A 10 0.39 -3.27 1.97
N ASN A 11 -0.93 -3.49 2.04
CA ASN A 11 -1.71 -3.02 3.18
C ASN A 11 -1.25 -3.67 4.47
N SER A 12 -1.39 -4.99 4.55
CA SER A 12 -0.99 -5.74 5.73
C SER A 12 0.52 -5.68 5.92
N ARG A 13 1.23 -5.23 4.88
CA ARG A 13 2.68 -5.12 4.94
C ARG A 13 3.11 -3.79 5.55
N CYS A 14 2.38 -2.73 5.21
CA CYS A 14 2.67 -1.40 5.72
C CYS A 14 1.85 -1.10 6.97
N THR A 15 0.91 -1.98 7.28
CA THR A 15 0.05 -1.81 8.44
C THR A 15 0.86 -1.84 9.73
N TYR A 16 2.12 -2.28 9.63
CA TYR A 16 3.00 -2.34 10.79
C TYR A 16 3.37 -0.95 11.28
N ILE A 17 3.11 0.05 10.45
CA ILE A 17 3.41 1.43 10.80
C ILE A 17 2.39 1.99 11.79
N PRO A 18 2.87 2.39 12.98
CA PRO A 18 2.03 2.94 14.03
C PRO A 18 1.49 4.32 13.68
N ASP A 19 2.18 5.01 12.77
CA ASP A 19 1.78 6.35 12.35
C ASP A 19 0.64 6.26 11.33
N TYR A 20 -0.53 6.78 11.71
CA TYR A 20 -1.69 6.77 10.84
C TYR A 20 -1.36 7.41 9.49
N ALA A 21 -0.68 8.53 9.53
CA ALA A 21 -0.30 9.24 8.31
C ALA A 21 0.69 8.44 7.48
N GLY A 22 1.80 8.03 8.11
CA GLY A 22 2.80 7.26 7.42
C GLY A 22 2.23 6.04 6.72
N MET A 23 1.34 5.33 7.41
CA MET A 23 0.70 4.15 6.85
C MET A 23 -0.30 4.52 5.76
N ARG A 24 -0.99 5.64 5.97
CA ARG A 24 -1.98 6.11 5.01
C ARG A 24 -1.32 6.53 3.70
N ALA A 25 -0.20 7.24 3.81
CA ALA A 25 0.52 7.70 2.63
C ALA A 25 1.23 6.54 1.94
N CYS A 26 1.82 5.64 2.74
CA CYS A 26 2.52 4.48 2.19
C CYS A 26 1.57 3.57 1.45
N ILE A 27 0.48 3.19 2.10
CA ILE A 27 -0.52 2.31 1.50
C ILE A 27 -1.32 3.04 0.42
N GLY A 28 -1.49 4.35 0.60
CA GLY A 28 -2.23 5.14 -0.37
C GLY A 28 -1.44 5.42 -1.62
N LEU A 29 -0.11 5.44 -1.49
CA LEU A 29 0.77 5.70 -2.63
C LEU A 29 1.29 4.38 -3.22
N CYS A 30 1.26 3.33 -2.42
CA CYS A 30 1.72 2.02 -2.85
C CYS A 30 0.90 1.52 -4.04
N ALA A 31 -0.42 1.65 -3.94
CA ALA A 31 -1.32 1.21 -5.00
C ALA A 31 -1.02 1.94 -6.30
N PRO A 32 -1.15 3.28 -6.28
CA PRO A 32 -0.90 4.12 -7.45
C PRO A 32 0.42 3.77 -8.13
N ALA A 33 1.49 3.70 -7.35
CA ALA A 33 2.81 3.38 -7.89
C ALA A 33 2.86 1.93 -8.38
N CYS A 34 2.20 1.04 -7.67
CA CYS A 34 2.17 -0.36 -8.03
C CYS A 34 1.46 -0.57 -9.37
N LEU A 35 0.36 0.15 -9.56
CA LEU A 35 -0.42 0.05 -10.80
C LEU A 35 0.34 0.67 -11.97
N THR A 36 0.93 1.84 -11.72
CA THR A 36 1.68 2.53 -12.76
C THR A 36 2.94 1.77 -13.13
N SER A 37 3.49 1.04 -12.16
CA SER A 37 4.71 0.26 -12.39
C SER A 37 4.37 -1.12 -12.93
N ARG A 38 3.17 -1.60 -12.62
CA ARG A 38 2.72 -2.90 -13.09
C ARG A 38 1.74 -2.77 -14.25
N ASP A 1 -6.43 -9.86 -10.45
CA ASP A 1 -5.99 -10.49 -9.20
C ASP A 1 -4.74 -9.80 -8.66
N ARG A 2 -3.89 -9.32 -9.57
CA ARG A 2 -2.66 -8.65 -9.18
C ARG A 2 -2.97 -7.32 -8.50
N TYR A 3 -4.02 -6.65 -8.97
CA TYR A 3 -4.41 -5.36 -8.40
C TYR A 3 -4.87 -5.51 -6.96
N GLN A 4 -5.88 -6.35 -6.74
CA GLN A 4 -6.41 -6.58 -5.40
C GLN A 4 -5.33 -7.14 -4.49
N ASP A 5 -4.52 -8.06 -5.02
CA ASP A 5 -3.46 -8.69 -4.25
C ASP A 5 -2.36 -7.68 -3.92
N CYS A 6 -2.08 -6.79 -4.87
CA CYS A 6 -1.05 -5.77 -4.68
C CYS A 6 -1.40 -4.85 -3.52
N LEU A 7 -2.57 -4.21 -3.62
CA LEU A 7 -3.02 -3.30 -2.58
C LEU A 7 -3.24 -4.03 -1.26
N SER A 8 -3.80 -5.24 -1.36
CA SER A 8 -4.06 -6.05 -0.16
C SER A 8 -2.77 -6.30 0.63
N GLU A 9 -1.86 -7.07 0.02
CA GLU A 9 -0.60 -7.38 0.68
C GLU A 9 0.11 -6.11 1.12
N CYS A 10 0.20 -5.14 0.22
CA CYS A 10 0.85 -3.86 0.52
C CYS A 10 0.26 -3.23 1.76
N ASN A 11 -1.07 -3.17 1.82
CA ASN A 11 -1.77 -2.58 2.95
C ASN A 11 -1.38 -3.29 4.25
N SER A 12 -1.65 -4.59 4.30
CA SER A 12 -1.33 -5.37 5.49
C SER A 12 0.16 -5.39 5.75
N ARG A 13 0.94 -5.01 4.74
CA ARG A 13 2.40 -4.98 4.86
C ARG A 13 2.86 -3.67 5.51
N CYS A 14 2.20 -2.58 5.15
CA CYS A 14 2.54 -1.26 5.68
C CYS A 14 1.68 -0.94 6.90
N THR A 15 0.73 -1.81 7.20
CA THR A 15 -0.16 -1.62 8.34
C THR A 15 0.62 -1.64 9.65
N TYR A 16 1.87 -2.08 9.59
CA TYR A 16 2.71 -2.15 10.77
C TYR A 16 3.08 -0.76 11.27
N ILE A 17 2.91 0.24 10.39
CA ILE A 17 3.21 1.62 10.74
C ILE A 17 2.28 2.13 11.83
N PRO A 18 2.84 2.40 13.02
CA PRO A 18 2.09 2.90 14.17
C PRO A 18 1.60 4.33 13.96
N ASP A 19 2.22 5.03 13.02
CA ASP A 19 1.85 6.41 12.73
C ASP A 19 0.85 6.47 11.57
N TYR A 20 -0.28 7.13 11.82
CA TYR A 20 -1.32 7.27 10.80
C TYR A 20 -0.78 7.92 9.54
N ALA A 21 -0.05 9.02 9.72
CA ALA A 21 0.55 9.75 8.60
C ALA A 21 1.37 8.81 7.72
N GLY A 22 2.44 8.26 8.29
CA GLY A 22 3.30 7.37 7.53
C GLY A 22 2.51 6.28 6.81
N MET A 23 1.70 5.55 7.57
CA MET A 23 0.89 4.48 7.00
C MET A 23 -0.04 5.01 5.91
N ARG A 24 -0.48 6.25 6.08
CA ARG A 24 -1.37 6.87 5.11
C ARG A 24 -0.64 7.20 3.82
N ALA A 25 0.53 7.83 3.96
CA ALA A 25 1.33 8.20 2.79
C ALA A 25 1.87 6.96 2.09
N CYS A 26 2.24 5.95 2.87
CA CYS A 26 2.78 4.72 2.31
C CYS A 26 1.70 3.93 1.58
N ILE A 27 0.67 3.52 2.32
CA ILE A 27 -0.43 2.75 1.74
C ILE A 27 -1.16 3.57 0.69
N GLY A 28 -1.20 4.89 0.88
CA GLY A 28 -1.86 5.76 -0.06
C GLY A 28 -1.13 5.86 -1.39
N LEU A 29 0.18 6.05 -1.32
CA LEU A 29 1.00 6.16 -2.52
C LEU A 29 1.34 4.78 -3.08
N CYS A 30 1.10 3.74 -2.28
CA CYS A 30 1.37 2.38 -2.70
C CYS A 30 0.54 2.01 -3.93
N ALA A 31 -0.74 2.36 -3.90
CA ALA A 31 -1.63 2.07 -5.01
C ALA A 31 -1.13 2.70 -6.30
N PRO A 32 -1.02 4.05 -6.30
CA PRO A 32 -0.55 4.80 -7.46
C PRO A 32 0.73 4.21 -8.06
N ALA A 33 1.70 3.93 -7.20
CA ALA A 33 2.97 3.36 -7.64
C ALA A 33 2.77 2.00 -8.29
N CYS A 34 1.93 1.17 -7.69
CA CYS A 34 1.64 -0.16 -8.21
C CYS A 34 0.93 -0.07 -9.55
N LEU A 35 0.17 1.00 -9.74
CA LEU A 35 -0.56 1.21 -10.99
C LEU A 35 0.38 1.54 -12.13
N THR A 36 1.24 2.53 -11.92
CA THR A 36 2.20 2.95 -12.92
C THR A 36 3.26 1.87 -13.15
N SER A 37 3.51 1.06 -12.13
CA SER A 37 4.49 0.00 -12.22
C SER A 37 3.89 -1.27 -12.80
N ARG A 38 2.57 -1.42 -12.63
CA ARG A 38 1.86 -2.58 -13.14
C ARG A 38 0.46 -2.21 -13.62
N ASP A 1 -7.19 -11.16 -8.63
CA ASP A 1 -6.17 -11.01 -9.66
C ASP A 1 -4.89 -10.43 -9.07
N ARG A 2 -3.86 -10.33 -9.90
CA ARG A 2 -2.57 -9.80 -9.47
C ARG A 2 -2.74 -8.40 -8.88
N TYR A 3 -3.72 -7.66 -9.40
CA TYR A 3 -3.98 -6.30 -8.93
C TYR A 3 -4.46 -6.30 -7.48
N GLN A 4 -5.50 -7.09 -7.21
CA GLN A 4 -6.05 -7.18 -5.86
C GLN A 4 -5.01 -7.71 -4.88
N ASP A 5 -4.26 -8.72 -5.32
CA ASP A 5 -3.22 -9.32 -4.48
C ASP A 5 -2.17 -8.28 -4.09
N CYS A 6 -1.63 -7.59 -5.09
CA CYS A 6 -0.61 -6.58 -4.85
C CYS A 6 -1.13 -5.51 -3.89
N LEU A 7 -2.24 -4.88 -4.26
CA LEU A 7 -2.83 -3.84 -3.42
C LEU A 7 -3.01 -4.31 -1.98
N SER A 8 -3.62 -5.49 -1.83
CA SER A 8 -3.85 -6.06 -0.51
C SER A 8 -2.56 -6.13 0.29
N GLU A 9 -1.61 -6.92 -0.19
CA GLU A 9 -0.32 -7.07 0.49
C GLU A 9 0.32 -5.71 0.75
N CYS A 10 0.14 -4.80 -0.20
CA CYS A 10 0.71 -3.46 -0.07
C CYS A 10 0.26 -2.80 1.23
N ASN A 11 -1.05 -2.59 1.36
CA ASN A 11 -1.61 -1.97 2.56
C ASN A 11 -1.42 -2.87 3.77
N SER A 12 -1.74 -4.15 3.61
CA SER A 12 -1.60 -5.12 4.70
C SER A 12 -0.19 -5.12 5.26
N ARG A 13 0.78 -4.74 4.42
CA ARG A 13 2.17 -4.69 4.83
C ARG A 13 2.54 -3.32 5.37
N CYS A 14 1.90 -2.28 4.83
CA CYS A 14 2.16 -0.91 5.25
C CYS A 14 1.45 -0.62 6.57
N THR A 15 0.49 -1.47 6.93
CA THR A 15 -0.26 -1.29 8.16
C THR A 15 0.64 -1.41 9.38
N TYR A 16 1.84 -1.92 9.17
CA TYR A 16 2.80 -2.10 10.25
C TYR A 16 3.37 -0.76 10.70
N ILE A 17 3.10 0.28 9.92
CA ILE A 17 3.58 1.62 10.23
C ILE A 17 2.95 2.14 11.52
N PRO A 18 3.79 2.31 12.56
CA PRO A 18 3.34 2.81 13.86
C PRO A 18 2.95 4.27 13.82
N ASP A 19 3.38 4.97 12.77
CA ASP A 19 3.06 6.39 12.62
C ASP A 19 1.68 6.56 11.99
N TYR A 20 0.82 7.31 12.67
CA TYR A 20 -0.53 7.56 12.18
C TYR A 20 -0.50 8.20 10.79
N ALA A 21 -0.13 9.47 10.74
CA ALA A 21 -0.06 10.20 9.49
C ALA A 21 0.82 9.47 8.48
N GLY A 22 2.00 9.03 8.92
CA GLY A 22 2.92 8.33 8.05
C GLY A 22 2.27 7.12 7.41
N MET A 23 1.47 6.39 8.18
CA MET A 23 0.80 5.19 7.68
C MET A 23 -0.26 5.57 6.64
N ARG A 24 -1.10 6.53 6.98
CA ARG A 24 -2.16 6.98 6.08
C ARG A 24 -1.60 7.35 4.72
N ALA A 25 -0.53 8.15 4.73
CA ALA A 25 0.11 8.59 3.49
C ALA A 25 0.77 7.41 2.77
N CYS A 26 1.41 6.54 3.54
CA CYS A 26 2.09 5.38 2.97
C CYS A 26 1.09 4.47 2.26
N ILE A 27 0.05 4.05 2.99
CA ILE A 27 -0.97 3.18 2.42
C ILE A 27 -1.68 3.86 1.24
N GLY A 28 -1.92 5.16 1.38
CA GLY A 28 -2.59 5.90 0.32
C GLY A 28 -1.79 5.92 -0.96
N LEU A 29 -0.47 6.05 -0.84
CA LEU A 29 0.40 6.08 -2.00
C LEU A 29 0.83 4.67 -2.42
N CYS A 30 0.59 3.71 -1.52
CA CYS A 30 0.96 2.33 -1.78
C CYS A 30 0.23 1.80 -3.02
N ALA A 31 -1.08 2.03 -3.07
CA ALA A 31 -1.89 1.58 -4.20
C ALA A 31 -1.38 2.18 -5.51
N PRO A 32 -1.40 3.52 -5.59
CA PRO A 32 -0.94 4.24 -6.78
C PRO A 32 0.40 3.74 -7.29
N ALA A 33 1.35 3.57 -6.37
CA ALA A 33 2.68 3.10 -6.72
C ALA A 33 2.62 1.72 -7.36
N CYS A 34 1.86 0.82 -6.73
CA CYS A 34 1.72 -0.55 -7.22
C CYS A 34 1.09 -0.55 -8.62
N LEU A 35 0.17 0.38 -8.85
CA LEU A 35 -0.50 0.48 -10.14
C LEU A 35 0.47 0.91 -11.24
N THR A 36 1.20 1.99 -10.98
CA THR A 36 2.17 2.50 -11.95
C THR A 36 3.36 1.56 -12.08
N SER A 37 3.63 0.80 -11.03
CA SER A 37 4.74 -0.14 -11.02
C SER A 37 4.33 -1.46 -11.66
N ARG A 38 3.04 -1.75 -11.63
CA ARG A 38 2.53 -2.99 -12.20
C ARG A 38 3.22 -4.20 -11.59
N ASP A 1 -7.76 -10.12 -8.58
CA ASP A 1 -7.07 -9.27 -9.55
C ASP A 1 -5.79 -8.70 -8.95
N ARG A 2 -4.84 -8.37 -9.82
CA ARG A 2 -3.57 -7.81 -9.37
C ARG A 2 -3.79 -6.56 -8.51
N TYR A 3 -4.73 -5.72 -8.92
CA TYR A 3 -5.05 -4.50 -8.19
C TYR A 3 -5.36 -4.81 -6.73
N GLN A 4 -6.41 -5.58 -6.51
CA GLN A 4 -6.81 -5.95 -5.15
C GLN A 4 -5.70 -6.71 -4.44
N ASP A 5 -4.93 -7.49 -5.20
CA ASP A 5 -3.83 -8.26 -4.64
C ASP A 5 -2.75 -7.35 -4.06
N CYS A 6 -2.14 -6.56 -4.93
CA CYS A 6 -1.08 -5.64 -4.51
C CYS A 6 -1.57 -4.74 -3.37
N LEU A 7 -2.79 -4.23 -3.51
CA LEU A 7 -3.37 -3.36 -2.49
C LEU A 7 -3.38 -4.05 -1.13
N SER A 8 -4.01 -5.22 -1.07
CA SER A 8 -4.10 -5.98 0.18
C SER A 8 -2.72 -6.17 0.79
N GLU A 9 -1.81 -6.78 0.02
CA GLU A 9 -0.46 -7.03 0.50
C GLU A 9 0.19 -5.74 1.00
N CYS A 10 0.20 -4.72 0.15
CA CYS A 10 0.79 -3.44 0.51
C CYS A 10 0.18 -2.90 1.81
N ASN A 11 -1.14 -3.02 1.92
CA ASN A 11 -1.85 -2.56 3.11
C ASN A 11 -1.29 -3.22 4.37
N SER A 12 -1.46 -4.54 4.46
CA SER A 12 -0.98 -5.28 5.62
C SER A 12 0.53 -5.20 5.73
N ARG A 13 1.18 -4.77 4.64
CA ARG A 13 2.63 -4.65 4.63
C ARG A 13 3.08 -3.35 5.30
N CYS A 14 2.37 -2.27 5.00
CA CYS A 14 2.69 -0.97 5.58
C CYS A 14 1.87 -0.71 6.83
N THR A 15 0.97 -1.64 7.15
CA THR A 15 0.12 -1.51 8.32
C THR A 15 0.93 -1.52 9.60
N TYR A 16 2.20 -1.91 9.49
CA TYR A 16 3.09 -1.96 10.65
C TYR A 16 3.49 -0.56 11.09
N ILE A 17 3.25 0.42 10.23
CA ILE A 17 3.58 1.80 10.53
C ILE A 17 2.75 2.33 11.71
N PRO A 18 3.42 2.60 12.83
CA PRO A 18 2.76 3.11 14.04
C PRO A 18 2.26 4.54 13.87
N ASP A 19 2.18 4.98 12.62
CA ASP A 19 1.71 6.34 12.32
C ASP A 19 0.65 6.32 11.23
N TYR A 20 -0.52 6.86 11.53
CA TYR A 20 -1.62 6.91 10.58
C TYR A 20 -1.23 7.71 9.34
N ALA A 21 -0.54 8.83 9.56
CA ALA A 21 -0.10 9.69 8.46
C ALA A 21 0.81 8.93 7.50
N GLY A 22 1.98 8.54 8.00
CA GLY A 22 2.93 7.82 7.18
C GLY A 22 2.33 6.58 6.55
N MET A 23 1.41 5.94 7.27
CA MET A 23 0.76 4.73 6.78
C MET A 23 -0.20 5.06 5.63
N ARG A 24 -1.00 6.10 5.82
CA ARG A 24 -1.96 6.52 4.81
C ARG A 24 -1.26 6.87 3.50
N ALA A 25 -0.21 7.69 3.59
CA ALA A 25 0.56 8.09 2.43
C ALA A 25 1.30 6.92 1.82
N CYS A 26 1.88 6.09 2.67
CA CYS A 26 2.63 4.92 2.22
C CYS A 26 1.73 3.94 1.48
N ILE A 27 0.57 3.66 2.07
CA ILE A 27 -0.39 2.75 1.46
C ILE A 27 -1.14 3.41 0.30
N GLY A 28 -1.17 4.74 0.31
CA GLY A 28 -1.85 5.48 -0.73
C GLY A 28 -0.93 5.81 -1.89
N LEU A 29 0.37 5.66 -1.67
CA LEU A 29 1.35 5.95 -2.71
C LEU A 29 1.91 4.67 -3.31
N CYS A 30 2.12 3.67 -2.47
CA CYS A 30 2.63 2.38 -2.91
C CYS A 30 1.71 1.73 -3.93
N ALA A 31 0.41 1.97 -3.76
CA ALA A 31 -0.59 1.41 -4.67
C ALA A 31 -0.44 1.99 -6.07
N PRO A 32 -0.62 3.31 -6.20
CA PRO A 32 -0.51 4.02 -7.47
C PRO A 32 0.75 3.63 -8.24
N ALA A 33 1.88 3.63 -7.55
CA ALA A 33 3.15 3.28 -8.16
C ALA A 33 3.20 1.81 -8.52
N CYS A 34 2.59 0.98 -7.68
CA CYS A 34 2.56 -0.46 -7.91
C CYS A 34 1.75 -0.80 -9.15
N LEU A 35 0.69 -0.03 -9.40
CA LEU A 35 -0.16 -0.24 -10.56
C LEU A 35 0.51 0.27 -11.83
N THR A 36 1.04 1.48 -11.77
CA THR A 36 1.70 2.08 -12.91
C THR A 36 2.95 1.30 -13.30
N SER A 37 3.65 0.78 -12.29
CA SER A 37 4.87 0.02 -12.52
C SER A 37 4.55 -1.45 -12.79
N ARG A 38 3.44 -1.92 -12.24
CA ARG A 38 3.01 -3.30 -12.42
C ARG A 38 1.50 -3.42 -12.36
N ASP A 1 -6.06 -9.75 -10.26
CA ASP A 1 -5.60 -10.41 -9.04
C ASP A 1 -4.40 -9.66 -8.46
N ARG A 2 -3.57 -9.10 -9.33
CA ARG A 2 -2.39 -8.37 -8.89
C ARG A 2 -2.77 -7.07 -8.19
N TYR A 3 -3.86 -6.47 -8.65
CA TYR A 3 -4.35 -5.22 -8.07
C TYR A 3 -4.80 -5.43 -6.62
N GLN A 4 -5.78 -6.33 -6.46
CA GLN A 4 -6.32 -6.62 -5.13
C GLN A 4 -5.23 -7.19 -4.22
N ASP A 5 -4.37 -8.02 -4.79
CA ASP A 5 -3.29 -8.63 -4.02
C ASP A 5 -2.26 -7.59 -3.60
N CYS A 6 -1.90 -6.71 -4.54
CA CYS A 6 -0.92 -5.66 -4.27
C CYS A 6 -1.39 -4.77 -3.12
N LEU A 7 -2.58 -4.19 -3.26
CA LEU A 7 -3.14 -3.33 -2.23
C LEU A 7 -3.34 -4.08 -0.92
N SER A 8 -3.81 -5.33 -1.03
CA SER A 8 -4.03 -6.16 0.14
C SER A 8 -2.76 -6.34 0.95
N GLU A 9 -1.81 -7.09 0.38
CA GLU A 9 -0.54 -7.33 1.04
C GLU A 9 0.12 -6.02 1.49
N CYS A 10 -0.01 -4.99 0.65
CA CYS A 10 0.56 -3.69 0.95
C CYS A 10 0.05 -3.16 2.28
N ASN A 11 -1.28 -3.08 2.41
CA ASN A 11 -1.90 -2.58 3.62
C ASN A 11 -1.47 -3.42 4.83
N SER A 12 -1.58 -4.73 4.69
CA SER A 12 -1.21 -5.64 5.77
C SER A 12 0.30 -5.60 6.02
N ARG A 13 1.04 -5.04 5.07
CA ARG A 13 2.48 -4.94 5.18
C ARG A 13 2.89 -3.61 5.82
N CYS A 14 2.14 -2.57 5.51
CA CYS A 14 2.41 -1.24 6.06
C CYS A 14 1.59 -0.99 7.32
N THR A 15 0.71 -1.93 7.64
CA THR A 15 -0.14 -1.80 8.82
C THR A 15 0.70 -1.81 10.10
N TYR A 16 1.97 -2.17 9.97
CA TYR A 16 2.87 -2.22 11.11
C TYR A 16 3.24 -0.82 11.57
N ILE A 17 3.05 0.16 10.70
CA ILE A 17 3.36 1.54 11.01
C ILE A 17 2.31 2.15 11.95
N PRO A 18 2.75 2.49 13.17
CA PRO A 18 1.85 3.08 14.18
C PRO A 18 1.44 4.50 13.82
N ASP A 19 2.16 5.11 12.90
CA ASP A 19 1.86 6.47 12.46
C ASP A 19 0.70 6.48 11.47
N TYR A 20 -0.34 7.25 11.78
CA TYR A 20 -1.51 7.34 10.92
C TYR A 20 -1.16 8.04 9.60
N ALA A 21 -0.32 9.07 9.70
CA ALA A 21 0.08 9.82 8.52
C ALA A 21 1.00 8.99 7.62
N GLY A 22 2.04 8.42 8.22
CA GLY A 22 2.98 7.61 7.47
C GLY A 22 2.34 6.35 6.90
N MET A 23 1.39 5.79 7.64
CA MET A 23 0.69 4.58 7.20
C MET A 23 -0.27 4.90 6.06
N ARG A 24 -1.04 5.96 6.21
CA ARG A 24 -2.00 6.37 5.19
C ARG A 24 -1.29 6.70 3.88
N ALA A 25 -0.23 7.50 3.97
CA ALA A 25 0.54 7.89 2.80
C ALA A 25 1.25 6.69 2.19
N CYS A 26 1.83 5.85 3.04
CA CYS A 26 2.54 4.66 2.58
C CYS A 26 1.62 3.74 1.80
N ILE A 27 0.47 3.43 2.39
CA ILE A 27 -0.51 2.55 1.76
C ILE A 27 -1.21 3.24 0.61
N GLY A 28 -1.27 4.57 0.67
CA GLY A 28 -1.91 5.33 -0.37
C GLY A 28 -0.99 5.60 -1.55
N LEU A 29 0.31 5.43 -1.33
CA LEU A 29 1.29 5.66 -2.37
C LEU A 29 1.77 4.33 -2.96
N CYS A 30 1.70 3.26 -2.16
CA CYS A 30 2.12 1.94 -2.60
C CYS A 30 1.28 1.46 -3.77
N ALA A 31 0.00 1.82 -3.76
CA ALA A 31 -0.92 1.44 -4.83
C ALA A 31 -0.58 2.14 -6.13
N PRO A 32 -0.62 3.48 -6.12
CA PRO A 32 -0.32 4.30 -7.30
C PRO A 32 0.98 3.88 -7.98
N ALA A 33 2.01 3.67 -7.19
CA ALA A 33 3.31 3.25 -7.71
C ALA A 33 3.27 1.81 -8.21
N CYS A 34 2.57 0.96 -7.48
CA CYS A 34 2.44 -0.45 -7.84
C CYS A 34 1.67 -0.60 -9.15
N LEU A 35 0.75 0.32 -9.40
CA LEU A 35 -0.07 0.28 -10.62
C LEU A 35 0.72 0.84 -11.80
N THR A 36 1.38 1.98 -11.58
CA THR A 36 2.16 2.62 -12.63
C THR A 36 3.42 1.81 -12.95
N SER A 37 3.87 1.03 -11.98
CA SER A 37 5.07 0.21 -12.16
C SER A 37 4.70 -1.22 -12.55
N ARG A 38 3.50 -1.63 -12.15
CA ARG A 38 3.02 -2.98 -12.45
C ARG A 38 4.05 -4.03 -12.02
N ASP A 1 -7.97 -9.43 -8.57
CA ASP A 1 -6.99 -9.29 -9.66
C ASP A 1 -5.64 -8.83 -9.12
N ARG A 2 -4.69 -8.63 -10.01
CA ARG A 2 -3.35 -8.19 -9.62
C ARG A 2 -3.43 -6.95 -8.75
N TYR A 3 -4.33 -6.04 -9.10
CA TYR A 3 -4.49 -4.79 -8.35
C TYR A 3 -4.86 -5.08 -6.90
N GLN A 4 -5.98 -5.77 -6.71
CA GLN A 4 -6.45 -6.12 -5.37
C GLN A 4 -5.36 -6.86 -4.59
N ASP A 5 -4.59 -7.67 -5.30
CA ASP A 5 -3.51 -8.44 -4.67
C ASP A 5 -2.47 -7.51 -4.07
N CYS A 6 -1.83 -6.71 -4.91
CA CYS A 6 -0.81 -5.77 -4.46
C CYS A 6 -1.33 -4.92 -3.31
N LEU A 7 -2.55 -4.40 -3.46
CA LEU A 7 -3.15 -3.56 -2.44
C LEU A 7 -3.19 -4.28 -1.09
N SER A 8 -3.79 -5.48 -1.08
CA SER A 8 -3.90 -6.26 0.14
C SER A 8 -2.53 -6.44 0.79
N GLU A 9 -1.60 -7.03 0.04
CA GLU A 9 -0.25 -7.26 0.54
C GLU A 9 0.36 -5.97 1.08
N CYS A 10 0.36 -4.94 0.24
CA CYS A 10 0.92 -3.64 0.62
C CYS A 10 0.29 -3.14 1.91
N ASN A 11 -1.03 -3.28 2.02
CA ASN A 11 -1.75 -2.84 3.20
C ASN A 11 -1.21 -3.51 4.45
N SER A 12 -1.34 -4.84 4.51
CA SER A 12 -0.86 -5.61 5.66
C SER A 12 0.65 -5.50 5.79
N ARG A 13 1.30 -5.02 4.73
CA ARG A 13 2.75 -4.87 4.74
C ARG A 13 3.16 -3.57 5.42
N CYS A 14 2.43 -2.50 5.13
CA CYS A 14 2.72 -1.19 5.71
C CYS A 14 1.89 -0.97 6.98
N THR A 15 1.00 -1.91 7.27
CA THR A 15 0.14 -1.82 8.44
C THR A 15 0.96 -1.82 9.72
N TYR A 16 2.24 -2.19 9.61
CA TYR A 16 3.13 -2.23 10.76
C TYR A 16 3.39 -0.83 11.29
N ILE A 17 3.09 0.18 10.48
CA ILE A 17 3.29 1.57 10.87
C ILE A 17 2.23 2.02 11.87
N PRO A 18 2.68 2.37 13.09
CA PRO A 18 1.79 2.82 14.16
C PRO A 18 1.19 4.20 13.87
N ASP A 19 1.85 4.95 12.99
CA ASP A 19 1.39 6.28 12.64
C ASP A 19 0.37 6.22 11.52
N TYR A 20 -0.87 6.60 11.83
CA TYR A 20 -1.95 6.59 10.86
C TYR A 20 -1.57 7.38 9.62
N ALA A 21 -0.96 8.54 9.82
CA ALA A 21 -0.54 9.39 8.73
C ALA A 21 0.43 8.66 7.80
N GLY A 22 1.61 8.36 8.31
CA GLY A 22 2.61 7.67 7.52
C GLY A 22 2.06 6.40 6.88
N MET A 23 1.15 5.73 7.57
CA MET A 23 0.55 4.50 7.06
C MET A 23 -0.41 4.80 5.93
N ARG A 24 -1.14 5.90 6.05
CA ARG A 24 -2.11 6.30 5.04
C ARG A 24 -1.40 6.68 3.73
N ALA A 25 -0.33 7.47 3.85
CA ALA A 25 0.43 7.89 2.69
C ALA A 25 1.20 6.73 2.07
N CYS A 26 1.80 5.91 2.91
CA CYS A 26 2.57 4.75 2.45
C CYS A 26 1.67 3.78 1.69
N ILE A 27 0.51 3.49 2.27
CA ILE A 27 -0.45 2.57 1.65
C ILE A 27 -1.21 3.25 0.53
N GLY A 28 -1.27 4.58 0.58
CA GLY A 28 -1.98 5.33 -0.43
C GLY A 28 -1.09 5.69 -1.61
N LEU A 29 0.21 5.53 -1.44
CA LEU A 29 1.16 5.84 -2.49
C LEU A 29 1.72 4.57 -3.13
N CYS A 30 1.96 3.56 -2.30
CA CYS A 30 2.47 2.29 -2.78
C CYS A 30 1.52 1.64 -3.77
N ALA A 31 0.22 1.87 -3.56
CA ALA A 31 -0.81 1.31 -4.43
C ALA A 31 -0.71 1.91 -5.84
N PRO A 32 -0.91 3.23 -5.93
CA PRO A 32 -0.85 3.93 -7.22
C PRO A 32 0.39 3.57 -8.02
N ALA A 33 1.55 3.60 -7.38
CA ALA A 33 2.81 3.27 -8.03
C ALA A 33 2.80 1.83 -8.54
N CYS A 34 2.46 0.90 -7.63
CA CYS A 34 2.42 -0.52 -7.99
C CYS A 34 1.38 -0.77 -9.08
N LEU A 35 0.38 0.09 -9.16
CA LEU A 35 -0.67 -0.05 -10.17
C LEU A 35 -0.14 0.29 -11.56
N THR A 36 0.41 1.50 -11.70
CA THR A 36 0.95 1.94 -12.97
C THR A 36 2.17 1.12 -13.36
N SER A 37 2.85 0.56 -12.37
CA SER A 37 4.05 -0.24 -12.62
C SER A 37 3.67 -1.69 -12.88
N ARG A 38 2.54 -2.11 -12.33
CA ARG A 38 2.07 -3.48 -12.51
C ARG A 38 0.55 -3.56 -12.42
N ASP A 1 -6.92 -10.30 -8.33
CA ASP A 1 -5.84 -10.18 -9.30
C ASP A 1 -4.59 -9.58 -8.65
N ARG A 2 -3.55 -9.37 -9.44
CA ARG A 2 -2.30 -8.81 -8.94
C ARG A 2 -2.56 -7.51 -8.18
N TYR A 3 -3.57 -6.76 -8.62
CA TYR A 3 -3.91 -5.50 -7.98
C TYR A 3 -4.36 -5.72 -6.54
N GLN A 4 -5.36 -6.57 -6.36
CA GLN A 4 -5.89 -6.87 -5.04
C GLN A 4 -4.80 -7.47 -4.14
N ASP A 5 -4.01 -8.37 -4.70
CA ASP A 5 -2.93 -9.01 -3.95
C ASP A 5 -1.92 -7.98 -3.47
N CYS A 6 -1.42 -7.16 -4.39
CA CYS A 6 -0.44 -6.13 -4.06
C CYS A 6 -0.99 -5.18 -3.00
N LEU A 7 -2.14 -4.58 -3.29
CA LEU A 7 -2.77 -3.65 -2.36
C LEU A 7 -3.01 -4.30 -1.01
N SER A 8 -3.57 -5.51 -1.04
CA SER A 8 -3.84 -6.25 0.19
C SER A 8 -2.58 -6.38 1.04
N GLU A 9 -1.64 -7.18 0.57
CA GLU A 9 -0.38 -7.40 1.28
C GLU A 9 0.27 -6.07 1.63
N CYS A 10 0.08 -5.07 0.79
CA CYS A 10 0.65 -3.74 1.01
C CYS A 10 0.04 -3.09 2.25
N ASN A 11 -1.28 -3.03 2.29
CA ASN A 11 -1.99 -2.44 3.42
C ASN A 11 -1.62 -3.14 4.72
N SER A 12 -1.61 -4.47 4.69
CA SER A 12 -1.28 -5.26 5.86
C SER A 12 0.17 -5.06 6.27
N ARG A 13 1.08 -5.36 5.34
CA ARG A 13 2.50 -5.22 5.59
C ARG A 13 2.84 -3.81 6.04
N CYS A 14 2.03 -2.84 5.62
CA CYS A 14 2.24 -1.45 5.97
C CYS A 14 1.48 -1.10 7.25
N THR A 15 0.51 -1.92 7.61
CA THR A 15 -0.29 -1.70 8.81
C THR A 15 0.57 -1.79 10.06
N TYR A 16 1.78 -2.31 9.90
CA TYR A 16 2.70 -2.45 11.03
C TYR A 16 3.17 -1.08 11.53
N ILE A 17 3.01 -0.07 10.70
CA ILE A 17 3.40 1.29 11.06
C ILE A 17 2.54 1.83 12.20
N PRO A 18 3.17 2.03 13.37
CA PRO A 18 2.49 2.56 14.56
C PRO A 18 2.08 4.01 14.40
N ASP A 19 2.08 4.50 13.17
CA ASP A 19 1.71 5.88 12.89
C ASP A 19 0.69 5.94 11.74
N TYR A 20 -0.46 6.53 12.02
CA TYR A 20 -1.51 6.67 11.02
C TYR A 20 -1.03 7.48 9.82
N ALA A 21 -0.30 8.55 10.10
CA ALA A 21 0.23 9.42 9.05
C ALA A 21 1.12 8.65 8.09
N GLY A 22 2.18 8.06 8.62
CA GLY A 22 3.10 7.30 7.80
C GLY A 22 2.41 6.15 7.08
N MET A 23 1.43 5.56 7.72
CA MET A 23 0.67 4.45 7.14
C MET A 23 -0.17 4.91 5.96
N ARG A 24 -0.99 5.93 6.21
CA ARG A 24 -1.86 6.47 5.17
C ARG A 24 -1.05 6.90 3.94
N ALA A 25 0.09 7.53 4.18
CA ALA A 25 0.96 7.98 3.11
C ALA A 25 1.65 6.80 2.43
N CYS A 26 2.10 5.84 3.23
CA CYS A 26 2.77 4.66 2.70
C CYS A 26 1.84 3.84 1.83
N ILE A 27 0.69 3.47 2.38
CA ILE A 27 -0.29 2.67 1.65
C ILE A 27 -0.94 3.50 0.54
N GLY A 28 -1.11 4.80 0.81
CA GLY A 28 -1.71 5.68 -0.18
C GLY A 28 -0.90 5.78 -1.45
N LEU A 29 0.42 5.89 -1.30
CA LEU A 29 1.31 6.01 -2.44
C LEU A 29 1.79 4.63 -2.90
N CYS A 30 1.63 3.64 -2.03
CA CYS A 30 2.04 2.27 -2.35
C CYS A 30 1.26 1.74 -3.56
N ALA A 31 -0.05 1.95 -3.56
CA ALA A 31 -0.90 1.49 -4.66
C ALA A 31 -0.45 2.10 -5.97
N PRO A 32 -0.48 3.44 -6.06
CA PRO A 32 -0.09 4.18 -7.27
C PRO A 32 1.25 3.69 -7.82
N ALA A 33 2.25 3.60 -6.95
CA ALA A 33 3.57 3.16 -7.35
C ALA A 33 3.56 1.69 -7.78
N CYS A 34 2.72 0.90 -7.11
CA CYS A 34 2.61 -0.51 -7.42
C CYS A 34 1.97 -0.72 -8.79
N LEU A 35 0.95 0.06 -9.09
CA LEU A 35 0.26 -0.03 -10.37
C LEU A 35 1.14 0.45 -11.51
N THR A 36 1.85 1.56 -11.28
CA THR A 36 2.73 2.12 -12.29
C THR A 36 3.93 1.21 -12.55
N SER A 37 4.43 0.59 -11.49
CA SER A 37 5.58 -0.31 -11.61
C SER A 37 5.13 -1.70 -12.09
N ARG A 38 3.87 -2.02 -11.84
CA ARG A 38 3.32 -3.31 -12.25
C ARG A 38 3.33 -3.45 -13.77
N ASP A 1 -7.30 -8.80 -9.30
CA ASP A 1 -6.30 -9.81 -9.01
C ASP A 1 -5.01 -9.17 -8.52
N ARG A 2 -4.24 -8.62 -9.45
CA ARG A 2 -2.98 -7.97 -9.10
C ARG A 2 -3.21 -6.68 -8.32
N TYR A 3 -4.34 -6.03 -8.59
CA TYR A 3 -4.69 -4.79 -7.92
C TYR A 3 -5.04 -5.04 -6.45
N GLN A 4 -5.96 -5.97 -6.22
CA GLN A 4 -6.37 -6.30 -4.87
C GLN A 4 -5.24 -6.96 -4.09
N ASP A 5 -4.49 -7.83 -4.76
CA ASP A 5 -3.38 -8.53 -4.14
C ASP A 5 -2.29 -7.55 -3.73
N CYS A 6 -1.92 -6.67 -4.66
CA CYS A 6 -0.88 -5.68 -4.40
C CYS A 6 -1.29 -4.75 -3.26
N LEU A 7 -2.49 -4.20 -3.35
CA LEU A 7 -3.01 -3.30 -2.32
C LEU A 7 -3.13 -4.01 -0.97
N SER A 8 -3.80 -5.16 -0.98
CA SER A 8 -3.99 -5.94 0.23
C SER A 8 -2.66 -6.20 0.93
N GLU A 9 -1.76 -6.89 0.22
CA GLU A 9 -0.45 -7.21 0.76
C GLU A 9 0.23 -5.96 1.33
N CYS A 10 0.36 -4.93 0.48
CA CYS A 10 1.00 -3.69 0.90
C CYS A 10 0.31 -3.12 2.15
N ASN A 11 -1.00 -3.30 2.23
CA ASN A 11 -1.77 -2.81 3.37
C ASN A 11 -1.32 -3.49 4.65
N SER A 12 -1.52 -4.81 4.73
CA SER A 12 -1.14 -5.58 5.91
C SER A 12 0.36 -5.56 6.11
N ARG A 13 1.09 -5.15 5.07
CA ARG A 13 2.54 -5.08 5.13
C ARG A 13 3.00 -3.76 5.73
N CYS A 14 2.31 -2.68 5.38
CA CYS A 14 2.65 -1.36 5.88
C CYS A 14 1.83 -1.01 7.12
N THR A 15 0.89 -1.90 7.46
CA THR A 15 0.04 -1.69 8.62
C THR A 15 0.85 -1.71 9.92
N TYR A 16 2.10 -2.15 9.81
CA TYR A 16 2.98 -2.23 10.97
C TYR A 16 3.47 -0.84 11.37
N ILE A 17 3.26 0.13 10.50
CA ILE A 17 3.67 1.51 10.75
C ILE A 17 2.90 2.09 11.94
N PRO A 18 3.63 2.36 13.03
CA PRO A 18 3.04 2.94 14.25
C PRO A 18 2.61 4.39 14.06
N ASP A 19 2.50 4.80 12.80
CA ASP A 19 2.09 6.17 12.48
C ASP A 19 0.99 6.17 11.43
N TYR A 20 -0.14 6.80 11.76
CA TYR A 20 -1.28 6.87 10.86
C TYR A 20 -0.90 7.62 9.58
N ALA A 21 -0.19 8.74 9.74
CA ALA A 21 0.23 9.53 8.61
C ALA A 21 1.12 8.73 7.66
N GLY A 22 2.26 8.28 8.16
CA GLY A 22 3.17 7.51 7.34
C GLY A 22 2.50 6.29 6.72
N MET A 23 1.60 5.67 7.48
CA MET A 23 0.90 4.49 7.00
C MET A 23 -0.06 4.85 5.86
N ARG A 24 -0.93 5.81 6.11
CA ARG A 24 -1.90 6.26 5.12
C ARG A 24 -1.20 6.63 3.81
N ALA A 25 -0.10 7.36 3.93
CA ALA A 25 0.66 7.79 2.77
C ALA A 25 1.32 6.60 2.07
N CYS A 26 1.87 5.68 2.87
CA CYS A 26 2.53 4.50 2.33
C CYS A 26 1.54 3.62 1.56
N ILE A 27 0.45 3.25 2.24
CA ILE A 27 -0.58 2.42 1.63
C ILE A 27 -1.30 3.16 0.50
N GLY A 28 -1.48 4.46 0.68
CA GLY A 28 -2.15 5.27 -0.32
C GLY A 28 -1.28 5.52 -1.53
N LEU A 29 0.03 5.47 -1.34
CA LEU A 29 0.97 5.70 -2.44
C LEU A 29 1.39 4.38 -3.08
N CYS A 30 1.24 3.29 -2.33
CA CYS A 30 1.60 1.96 -2.83
C CYS A 30 0.79 1.62 -4.07
N ALA A 31 -0.51 1.88 -4.02
CA ALA A 31 -1.40 1.60 -5.15
C ALA A 31 -0.94 2.33 -6.41
N PRO A 32 -0.92 3.67 -6.33
CA PRO A 32 -0.50 4.52 -7.45
C PRO A 32 0.80 4.05 -8.08
N ALA A 33 1.81 3.82 -7.24
CA ALA A 33 3.11 3.36 -7.71
C ALA A 33 3.02 1.94 -8.26
N CYS A 34 2.17 1.13 -7.65
CA CYS A 34 2.00 -0.26 -8.07
C CYS A 34 1.35 -0.33 -9.45
N LEU A 35 0.36 0.52 -9.67
CA LEU A 35 -0.35 0.56 -10.95
C LEU A 35 0.54 1.15 -12.04
N THR A 36 1.27 2.21 -11.71
CA THR A 36 2.15 2.86 -12.66
C THR A 36 3.37 2.00 -12.97
N SER A 37 3.78 1.19 -11.99
CA SER A 37 4.92 0.31 -12.15
C SER A 37 4.52 -1.02 -12.79
N ARG A 38 3.26 -1.39 -12.60
CA ARG A 38 2.74 -2.63 -13.15
C ARG A 38 1.86 -2.36 -14.37
N ASP A 1 -6.76 -9.44 -9.62
CA ASP A 1 -5.80 -10.46 -9.23
C ASP A 1 -4.51 -9.82 -8.71
N ARG A 2 -3.68 -9.33 -9.63
CA ARG A 2 -2.43 -8.69 -9.27
C ARG A 2 -2.68 -7.35 -8.59
N TYR A 3 -3.77 -6.70 -8.96
CA TYR A 3 -4.12 -5.40 -8.39
C TYR A 3 -4.57 -5.55 -6.94
N GLN A 4 -5.55 -6.43 -6.73
CA GLN A 4 -6.08 -6.67 -5.39
C GLN A 4 -5.02 -7.32 -4.50
N ASP A 5 -4.22 -8.21 -5.08
CA ASP A 5 -3.18 -8.90 -4.33
C ASP A 5 -2.09 -7.91 -3.88
N CYS A 6 -1.55 -7.16 -4.83
CA CYS A 6 -0.51 -6.19 -4.55
C CYS A 6 -1.00 -5.16 -3.53
N LEU A 7 -2.17 -4.59 -3.79
CA LEU A 7 -2.75 -3.59 -2.90
C LEU A 7 -3.00 -4.17 -1.51
N SER A 8 -3.59 -5.36 -1.48
CA SER A 8 -3.88 -6.03 -0.21
C SER A 8 -2.62 -6.16 0.64
N GLU A 9 -1.62 -6.87 0.12
CA GLU A 9 -0.37 -7.07 0.83
C GLU A 9 0.32 -5.74 1.09
N CYS A 10 0.19 -4.82 0.15
CA CYS A 10 0.81 -3.49 0.27
C CYS A 10 0.40 -2.83 1.56
N ASN A 11 -0.90 -2.56 1.70
CA ASN A 11 -1.43 -1.92 2.91
C ASN A 11 -1.19 -2.79 4.14
N SER A 12 -1.46 -4.08 4.01
CA SER A 12 -1.27 -5.01 5.11
C SER A 12 0.19 -5.08 5.53
N ARG A 13 1.07 -4.61 4.65
CA ARG A 13 2.50 -4.61 4.93
C ARG A 13 2.92 -3.32 5.63
N CYS A 14 2.40 -2.20 5.15
CA CYS A 14 2.72 -0.89 5.71
C CYS A 14 1.84 -0.59 6.92
N THR A 15 0.87 -1.48 7.18
CA THR A 15 -0.04 -1.31 8.30
C THR A 15 0.70 -1.38 9.63
N TYR A 16 1.95 -1.83 9.59
CA TYR A 16 2.76 -1.95 10.79
C TYR A 16 3.24 -0.58 11.26
N ILE A 17 3.06 0.43 10.41
CA ILE A 17 3.48 1.79 10.74
C ILE A 17 2.68 2.33 11.92
N PRO A 18 3.37 2.54 13.05
CA PRO A 18 2.76 3.06 14.28
C PRO A 18 2.34 4.53 14.15
N ASP A 19 2.26 4.99 12.91
CA ASP A 19 1.87 6.37 12.64
C ASP A 19 0.79 6.44 11.56
N TYR A 20 -0.32 7.10 11.89
CA TYR A 20 -1.43 7.23 10.96
C TYR A 20 -0.97 7.87 9.65
N ALA A 21 -0.35 9.04 9.76
CA ALA A 21 0.13 9.75 8.58
C ALA A 21 1.09 8.89 7.78
N GLY A 22 2.16 8.43 8.43
CA GLY A 22 3.13 7.60 7.75
C GLY A 22 2.50 6.44 7.01
N MET A 23 1.48 5.83 7.61
CA MET A 23 0.78 4.72 7.00
C MET A 23 -0.11 5.19 5.86
N ARG A 24 -0.73 6.36 6.05
CA ARG A 24 -1.61 6.91 5.03
C ARG A 24 -0.84 7.30 3.78
N ALA A 25 0.29 7.97 3.98
CA ALA A 25 1.13 8.40 2.87
C ALA A 25 1.81 7.21 2.21
N CYS A 26 2.37 6.32 3.02
CA CYS A 26 3.06 5.14 2.52
C CYS A 26 2.12 4.29 1.67
N ILE A 27 0.96 3.95 2.22
CA ILE A 27 -0.02 3.14 1.52
C ILE A 27 -0.70 3.94 0.41
N GLY A 28 -0.80 5.25 0.62
CA GLY A 28 -1.43 6.11 -0.37
C GLY A 28 -0.63 6.18 -1.66
N LEU A 29 0.68 6.15 -1.55
CA LEU A 29 1.56 6.21 -2.72
C LEU A 29 2.01 4.81 -3.14
N CYS A 30 1.95 3.87 -2.20
CA CYS A 30 2.34 2.49 -2.48
C CYS A 30 1.47 1.89 -3.58
N ALA A 31 0.16 2.06 -3.46
CA ALA A 31 -0.78 1.53 -4.45
C ALA A 31 -0.48 2.10 -5.83
N PRO A 32 -0.56 3.43 -5.96
CA PRO A 32 -0.31 4.11 -7.24
C PRO A 32 0.98 3.64 -7.90
N ALA A 33 2.05 3.57 -7.12
CA ALA A 33 3.35 3.13 -7.63
C ALA A 33 3.26 1.71 -8.18
N CYS A 34 2.65 0.82 -7.41
CA CYS A 34 2.50 -0.57 -7.82
C CYS A 34 1.61 -0.69 -9.05
N LEU A 35 0.60 0.17 -9.13
CA LEU A 35 -0.32 0.16 -10.26
C LEU A 35 0.38 0.59 -11.54
N THR A 36 1.23 1.61 -11.44
CA THR A 36 1.98 2.11 -12.59
C THR A 36 3.18 1.23 -12.89
N SER A 37 3.67 0.53 -11.88
CA SER A 37 4.82 -0.36 -12.04
C SER A 37 4.38 -1.74 -12.52
N ARG A 38 3.13 -2.07 -12.27
CA ARG A 38 2.59 -3.37 -12.67
C ARG A 38 2.55 -3.49 -14.19
N ASP A 1 -7.48 -9.37 -8.81
CA ASP A 1 -6.34 -10.28 -8.81
C ASP A 1 -5.07 -9.55 -8.38
N ARG A 2 -4.48 -8.81 -9.31
CA ARG A 2 -3.25 -8.07 -9.03
C ARG A 2 -3.55 -6.84 -8.17
N TYR A 3 -4.59 -6.11 -8.52
CA TYR A 3 -4.98 -4.91 -7.79
C TYR A 3 -5.32 -5.25 -6.34
N GLN A 4 -6.08 -6.32 -6.15
CA GLN A 4 -6.47 -6.75 -4.81
C GLN A 4 -5.29 -7.33 -4.05
N ASP A 5 -4.52 -8.19 -4.72
CA ASP A 5 -3.36 -8.80 -4.10
C ASP A 5 -2.34 -7.74 -3.68
N CYS A 6 -2.05 -6.83 -4.59
CA CYS A 6 -1.08 -5.77 -4.31
C CYS A 6 -1.56 -4.89 -3.16
N LEU A 7 -2.76 -4.34 -3.29
CA LEU A 7 -3.33 -3.48 -2.26
C LEU A 7 -3.39 -4.21 -0.93
N SER A 8 -3.91 -5.43 -0.94
CA SER A 8 -4.02 -6.23 0.27
C SER A 8 -2.68 -6.33 0.99
N GLU A 9 -1.73 -6.99 0.34
CA GLU A 9 -0.39 -7.16 0.91
C GLU A 9 0.22 -5.81 1.26
N CYS A 10 -0.02 -4.81 0.42
CA CYS A 10 0.50 -3.47 0.64
C CYS A 10 0.08 -2.93 2.01
N ASN A 11 -1.18 -3.14 2.35
CA ASN A 11 -1.72 -2.67 3.63
C ASN A 11 -1.14 -3.49 4.78
N SER A 12 -1.25 -4.82 4.66
CA SER A 12 -0.75 -5.72 5.70
C SER A 12 0.77 -5.59 5.83
N ARG A 13 1.40 -4.98 4.84
CA ARG A 13 2.84 -4.80 4.85
C ARG A 13 3.22 -3.45 5.48
N CYS A 14 2.43 -2.42 5.19
CA CYS A 14 2.68 -1.09 5.72
C CYS A 14 1.92 -0.88 7.02
N THR A 15 1.17 -1.90 7.44
CA THR A 15 0.40 -1.82 8.67
C THR A 15 1.31 -1.81 9.89
N TYR A 16 2.60 -2.04 9.67
CA TYR A 16 3.58 -2.05 10.75
C TYR A 16 3.97 -0.63 11.14
N ILE A 17 3.57 0.33 10.32
CA ILE A 17 3.88 1.73 10.58
C ILE A 17 2.89 2.35 11.57
N PRO A 18 3.40 2.68 12.76
CA PRO A 18 2.58 3.28 13.82
C PRO A 18 2.15 4.71 13.48
N ASP A 19 2.87 5.34 12.57
CA ASP A 19 2.57 6.71 12.15
C ASP A 19 1.29 6.75 11.32
N TYR A 20 0.34 7.57 11.76
CA TYR A 20 -0.94 7.70 11.05
C TYR A 20 -0.71 8.21 9.63
N ALA A 21 -0.24 9.45 9.53
CA ALA A 21 0.02 10.05 8.23
C ALA A 21 0.97 9.19 7.39
N GLY A 22 2.10 8.83 7.98
CA GLY A 22 3.07 8.00 7.27
C GLY A 22 2.45 6.76 6.68
N MET A 23 1.80 5.97 7.53
CA MET A 23 1.17 4.73 7.08
C MET A 23 0.05 5.02 6.08
N ARG A 24 -0.70 6.10 6.34
CA ARG A 24 -1.79 6.48 5.45
C ARG A 24 -1.29 6.75 4.05
N ALA A 25 -0.34 7.67 3.93
CA ALA A 25 0.23 8.02 2.64
C ALA A 25 0.90 6.82 1.99
N CYS A 26 1.51 5.97 2.80
CA CYS A 26 2.19 4.78 2.30
C CYS A 26 1.19 3.79 1.71
N ILE A 27 0.22 3.37 2.52
CA ILE A 27 -0.79 2.43 2.06
C ILE A 27 -1.58 3.00 0.90
N GLY A 28 -1.72 4.33 0.86
CA GLY A 28 -2.46 4.97 -0.19
C GLY A 28 -1.62 5.18 -1.45
N LEU A 29 -0.31 5.25 -1.27
CA LEU A 29 0.60 5.44 -2.39
C LEU A 29 1.09 4.10 -2.93
N CYS A 30 0.89 3.04 -2.16
CA CYS A 30 1.30 1.70 -2.55
C CYS A 30 0.58 1.27 -3.82
N ALA A 31 -0.72 1.55 -3.88
CA ALA A 31 -1.52 1.18 -5.04
C ALA A 31 -1.04 1.91 -6.30
N PRO A 32 -1.09 3.26 -6.25
CA PRO A 32 -0.66 4.10 -7.37
C PRO A 32 0.69 3.68 -7.93
N ALA A 33 1.68 3.55 -7.04
CA ALA A 33 3.02 3.15 -7.45
C ALA A 33 3.03 1.72 -8.00
N CYS A 34 2.24 0.85 -7.37
CA CYS A 34 2.16 -0.54 -7.78
C CYS A 34 1.55 -0.65 -9.18
N LEU A 35 0.61 0.23 -9.48
CA LEU A 35 -0.06 0.22 -10.78
C LEU A 35 0.87 0.75 -11.87
N THR A 36 1.45 1.91 -11.63
CA THR A 36 2.37 2.52 -12.59
C THR A 36 3.59 1.63 -12.83
N SER A 37 4.04 0.95 -11.78
CA SER A 37 5.19 0.07 -11.88
C SER A 37 4.79 -1.29 -12.41
N ARG A 38 3.54 -1.67 -12.16
CA ARG A 38 3.03 -2.96 -12.61
C ARG A 38 1.50 -2.99 -12.58
N ASP A 1 -7.48 -10.09 -8.24
CA ASP A 1 -6.66 -9.55 -9.33
C ASP A 1 -5.31 -9.07 -8.80
N ARG A 2 -4.40 -8.76 -9.71
CA ARG A 2 -3.08 -8.28 -9.33
C ARG A 2 -3.17 -7.13 -8.34
N TYR A 3 -4.00 -6.15 -8.68
CA TYR A 3 -4.19 -4.98 -7.82
C TYR A 3 -4.63 -5.39 -6.43
N GLN A 4 -5.61 -6.30 -6.37
CA GLN A 4 -6.13 -6.78 -5.10
C GLN A 4 -5.01 -7.35 -4.23
N ASP A 5 -4.24 -8.26 -4.80
CA ASP A 5 -3.14 -8.89 -4.07
C ASP A 5 -2.13 -7.84 -3.61
N CYS A 6 -1.82 -6.89 -4.49
CA CYS A 6 -0.87 -5.83 -4.18
C CYS A 6 -1.29 -5.09 -2.92
N LEU A 7 -2.47 -4.49 -2.96
CA LEU A 7 -3.00 -3.74 -1.81
C LEU A 7 -3.06 -4.62 -0.57
N SER A 8 -3.43 -5.88 -0.76
CA SER A 8 -3.52 -6.82 0.34
C SER A 8 -2.21 -6.90 1.11
N GLU A 9 -1.16 -7.37 0.44
CA GLU A 9 0.15 -7.49 1.07
C GLU A 9 0.65 -6.14 1.56
N CYS A 10 0.61 -5.15 0.67
CA CYS A 10 1.06 -3.80 1.01
C CYS A 10 0.35 -3.28 2.26
N ASN A 11 -0.92 -3.68 2.41
CA ASN A 11 -1.71 -3.26 3.56
C ASN A 11 -1.19 -3.90 4.85
N SER A 12 -1.25 -5.23 4.90
CA SER A 12 -0.79 -5.96 6.07
C SER A 12 0.71 -5.78 6.28
N ARG A 13 1.38 -5.24 5.26
CA ARG A 13 2.81 -5.00 5.34
C ARG A 13 3.12 -3.66 6.00
N CYS A 14 2.38 -2.62 5.61
CA CYS A 14 2.57 -1.30 6.17
C CYS A 14 1.64 -1.07 7.35
N THR A 15 0.80 -2.06 7.64
CA THR A 15 -0.15 -1.96 8.74
C THR A 15 0.58 -1.78 10.07
N TYR A 16 1.87 -2.06 10.09
CA TYR A 16 2.67 -1.93 11.29
C TYR A 16 2.86 -0.46 11.67
N ILE A 17 2.70 0.42 10.68
CA ILE A 17 2.84 1.85 10.90
C ILE A 17 1.77 2.38 11.85
N PRO A 18 2.20 2.80 13.04
CA PRO A 18 1.28 3.33 14.06
C PRO A 18 0.71 4.68 13.68
N ASP A 19 1.49 5.46 12.93
CA ASP A 19 1.06 6.78 12.49
C ASP A 19 0.01 6.67 11.38
N TYR A 20 -1.13 7.34 11.58
CA TYR A 20 -2.20 7.31 10.60
C TYR A 20 -1.74 7.89 9.27
N ALA A 21 -1.02 9.01 9.34
CA ALA A 21 -0.53 9.66 8.13
C ALA A 21 0.50 8.78 7.42
N GLY A 22 1.58 8.45 8.10
CA GLY A 22 2.61 7.62 7.50
C GLY A 22 2.05 6.36 6.88
N MET A 23 1.16 5.69 7.60
CA MET A 23 0.55 4.46 7.10
C MET A 23 -0.38 4.75 5.92
N ARG A 24 -1.06 5.90 5.98
CA ARG A 24 -1.97 6.30 4.93
C ARG A 24 -1.23 6.59 3.62
N ALA A 25 -0.17 7.39 3.72
CA ALA A 25 0.64 7.74 2.56
C ALA A 25 1.33 6.51 1.99
N CYS A 26 1.84 5.67 2.87
CA CYS A 26 2.54 4.45 2.45
C CYS A 26 1.59 3.51 1.71
N ILE A 27 0.54 3.09 2.40
CA ILE A 27 -0.45 2.18 1.81
C ILE A 27 -1.16 2.84 0.63
N GLY A 28 -1.20 4.17 0.64
CA GLY A 28 -1.86 4.89 -0.43
C GLY A 28 -0.93 5.14 -1.61
N LEU A 29 0.37 5.05 -1.37
CA LEU A 29 1.36 5.27 -2.42
C LEU A 29 1.75 3.94 -3.08
N CYS A 30 1.56 2.85 -2.35
CA CYS A 30 1.89 1.53 -2.87
C CYS A 30 1.08 1.22 -4.13
N ALA A 31 -0.20 1.56 -4.09
CA ALA A 31 -1.08 1.32 -5.23
C ALA A 31 -0.57 2.03 -6.48
N PRO A 32 -0.48 3.37 -6.41
CA PRO A 32 -0.01 4.19 -7.54
C PRO A 32 1.28 3.65 -8.14
N ALA A 33 2.25 3.34 -7.29
CA ALA A 33 3.53 2.81 -7.75
C ALA A 33 3.39 1.39 -8.27
N CYS A 34 2.46 0.63 -7.67
CA CYS A 34 2.22 -0.75 -8.06
C CYS A 34 1.58 -0.81 -9.45
N LEU A 35 0.71 0.16 -9.73
CA LEU A 35 0.03 0.21 -11.02
C LEU A 35 0.95 0.76 -12.10
N THR A 36 1.70 1.80 -11.77
CA THR A 36 2.62 2.42 -12.71
C THR A 36 3.80 1.51 -13.00
N SER A 37 4.19 0.72 -12.01
CA SER A 37 5.31 -0.21 -12.16
C SER A 37 4.83 -1.57 -12.65
N ARG A 38 3.57 -1.89 -12.36
CA ARG A 38 2.99 -3.16 -12.77
C ARG A 38 3.72 -4.33 -12.11
N ASP A 1 -6.60 -10.97 -8.38
CA ASP A 1 -5.69 -10.41 -9.39
C ASP A 1 -4.43 -9.83 -8.75
N ARG A 2 -3.40 -9.68 -9.56
CA ARG A 2 -2.12 -9.14 -9.06
C ARG A 2 -2.35 -7.83 -8.31
N TYR A 3 -3.26 -7.01 -8.82
CA TYR A 3 -3.56 -5.73 -8.20
C TYR A 3 -4.09 -5.91 -6.78
N GLN A 4 -5.18 -6.66 -6.67
CA GLN A 4 -5.79 -6.91 -5.37
C GLN A 4 -4.75 -7.45 -4.37
N ASP A 5 -3.93 -8.38 -4.83
CA ASP A 5 -2.90 -8.97 -3.99
C ASP A 5 -1.83 -7.93 -3.64
N CYS A 6 -1.53 -7.07 -4.59
CA CYS A 6 -0.52 -6.02 -4.39
C CYS A 6 -0.92 -5.10 -3.25
N LEU A 7 -2.09 -4.49 -3.37
CA LEU A 7 -2.59 -3.57 -2.36
C LEU A 7 -2.89 -4.32 -1.05
N SER A 8 -3.35 -5.57 -1.19
CA SER A 8 -3.67 -6.38 -0.03
C SER A 8 -2.45 -6.55 0.88
N GLU A 9 -1.43 -7.23 0.36
CA GLU A 9 -0.20 -7.46 1.12
C GLU A 9 0.45 -6.15 1.50
N CYS A 10 0.56 -5.24 0.55
CA CYS A 10 1.17 -3.93 0.78
C CYS A 10 0.50 -3.23 1.95
N ASN A 11 -0.83 -3.16 1.92
CA ASN A 11 -1.59 -2.50 2.97
C ASN A 11 -1.33 -3.16 4.32
N SER A 12 -1.58 -4.47 4.40
CA SER A 12 -1.36 -5.21 5.64
C SER A 12 0.10 -5.17 6.05
N ARG A 13 0.97 -4.82 5.11
CA ARG A 13 2.40 -4.73 5.37
C ARG A 13 2.78 -3.37 5.92
N CYS A 14 2.14 -2.32 5.40
CA CYS A 14 2.41 -0.96 5.83
C CYS A 14 1.48 -0.57 6.99
N THR A 15 0.54 -1.45 7.32
CA THR A 15 -0.40 -1.20 8.39
C THR A 15 0.29 -1.25 9.75
N TYR A 16 1.54 -1.69 9.75
CA TYR A 16 2.31 -1.77 10.99
C TYR A 16 2.97 -0.44 11.33
N ILE A 17 2.84 0.51 10.42
CA ILE A 17 3.41 1.84 10.62
C ILE A 17 2.76 2.55 11.80
N PRO A 18 3.56 2.80 12.86
CA PRO A 18 3.07 3.47 14.06
C PRO A 18 2.77 4.95 13.83
N ASP A 19 2.61 5.31 12.56
CA ASP A 19 2.32 6.69 12.20
C ASP A 19 1.15 6.76 11.22
N TYR A 20 0.12 7.51 11.59
CA TYR A 20 -1.06 7.66 10.74
C TYR A 20 -0.70 8.36 9.43
N ALA A 21 0.16 9.36 9.52
CA ALA A 21 0.58 10.11 8.33
C ALA A 21 1.38 9.22 7.38
N GLY A 22 2.47 8.66 7.88
CA GLY A 22 3.31 7.79 7.06
C GLY A 22 2.55 6.58 6.54
N MET A 23 1.61 6.09 7.34
CA MET A 23 0.81 4.93 6.95
C MET A 23 -0.16 5.29 5.82
N ARG A 24 -0.92 6.36 6.01
CA ARG A 24 -1.88 6.80 5.02
C ARG A 24 -1.20 7.14 3.70
N ALA A 25 -0.06 7.82 3.79
CA ALA A 25 0.70 8.20 2.60
C ALA A 25 1.32 6.98 1.94
N CYS A 26 1.82 6.06 2.76
CA CYS A 26 2.44 4.85 2.25
C CYS A 26 1.42 3.95 1.56
N ILE A 27 0.36 3.60 2.29
CA ILE A 27 -0.69 2.74 1.76
C ILE A 27 -1.46 3.45 0.64
N GLY A 28 -1.57 4.78 0.76
CA GLY A 28 -2.27 5.55 -0.25
C GLY A 28 -1.47 5.71 -1.53
N LEU A 29 -0.15 5.78 -1.39
CA LEU A 29 0.74 5.93 -2.53
C LEU A 29 1.17 4.58 -3.07
N CYS A 30 1.00 3.54 -2.26
CA CYS A 30 1.37 2.19 -2.66
C CYS A 30 0.60 1.76 -3.90
N ALA A 31 -0.71 1.97 -3.89
CA ALA A 31 -1.56 1.60 -5.02
C ALA A 31 -1.11 2.30 -6.30
N PRO A 32 -1.13 3.64 -6.28
CA PRO A 32 -0.74 4.46 -7.44
C PRO A 32 0.60 4.00 -8.02
N ALA A 33 1.60 3.83 -7.15
CA ALA A 33 2.92 3.40 -7.59
C ALA A 33 2.89 1.95 -8.07
N CYS A 34 1.97 1.17 -7.54
CA CYS A 34 1.84 -0.23 -7.92
C CYS A 34 1.20 -0.37 -9.30
N LEU A 35 0.18 0.45 -9.55
CA LEU A 35 -0.53 0.43 -10.82
C LEU A 35 0.33 1.02 -11.93
N THR A 36 1.12 2.04 -11.59
CA THR A 36 1.99 2.70 -12.55
C THR A 36 3.22 1.86 -12.85
N SER A 37 3.77 1.23 -11.80
CA SER A 37 4.96 0.40 -11.95
C SER A 37 4.61 -0.95 -12.57
N ARG A 38 3.38 -1.41 -12.30
CA ARG A 38 2.92 -2.68 -12.83
C ARG A 38 1.95 -2.47 -13.98
N ASP A 1 -7.74 -10.79 -8.24
CA ASP A 1 -6.92 -10.47 -9.41
C ASP A 1 -5.62 -9.79 -8.99
N ARG A 2 -4.71 -9.62 -9.94
CA ARG A 2 -3.42 -8.99 -9.67
C ARG A 2 -3.63 -7.63 -8.99
N TYR A 3 -4.73 -6.97 -9.31
CA TYR A 3 -5.04 -5.67 -8.73
C TYR A 3 -5.30 -5.79 -7.23
N GLN A 4 -6.20 -6.69 -6.87
CA GLN A 4 -6.54 -6.90 -5.47
C GLN A 4 -5.32 -7.33 -4.66
N ASP A 5 -4.57 -8.28 -5.20
CA ASP A 5 -3.36 -8.78 -4.55
C ASP A 5 -2.34 -7.66 -4.35
N CYS A 6 -2.15 -6.86 -5.40
CA CYS A 6 -1.20 -5.76 -5.36
C CYS A 6 -1.54 -4.79 -4.24
N LEU A 7 -2.75 -4.23 -4.31
CA LEU A 7 -3.21 -3.28 -3.29
C LEU A 7 -3.22 -3.93 -1.91
N SER A 8 -3.72 -5.15 -1.84
CA SER A 8 -3.79 -5.88 -0.58
C SER A 8 -2.41 -6.03 0.04
N GLU A 9 -1.52 -6.74 -0.67
CA GLU A 9 -0.17 -6.97 -0.20
C GLU A 9 0.49 -5.65 0.21
N CYS A 10 0.45 -4.67 -0.68
CA CYS A 10 1.04 -3.37 -0.40
C CYS A 10 0.49 -2.78 0.89
N ASN A 11 -0.81 -2.96 1.12
CA ASN A 11 -1.46 -2.44 2.31
C ASN A 11 -1.05 -3.26 3.54
N SER A 12 -0.93 -4.57 3.37
CA SER A 12 -0.56 -5.45 4.47
C SER A 12 0.91 -5.27 4.83
N ARG A 13 1.70 -4.82 3.86
CA ARG A 13 3.13 -4.59 4.07
C ARG A 13 3.39 -3.20 4.63
N CYS A 14 2.49 -2.27 4.33
CA CYS A 14 2.62 -0.90 4.80
C CYS A 14 1.88 -0.71 6.13
N THR A 15 0.98 -1.64 6.44
CA THR A 15 0.21 -1.57 7.67
C THR A 15 1.12 -1.70 8.89
N TYR A 16 2.36 -2.11 8.66
CA TYR A 16 3.33 -2.27 9.74
C TYR A 16 3.70 -0.92 10.35
N ILE A 17 3.33 0.15 9.65
CA ILE A 17 3.63 1.50 10.12
C ILE A 17 2.80 1.85 11.34
N PRO A 18 3.47 2.03 12.49
CA PRO A 18 2.79 2.38 13.75
C PRO A 18 2.24 3.80 13.75
N ASP A 19 2.76 4.62 12.85
CA ASP A 19 2.32 6.01 12.74
C ASP A 19 1.00 6.10 11.98
N TYR A 20 0.03 6.79 12.58
CA TYR A 20 -1.29 6.94 11.98
C TYR A 20 -1.18 7.68 10.63
N ALA A 21 -0.83 8.96 10.69
CA ALA A 21 -0.70 9.76 9.48
C ALA A 21 0.33 9.15 8.53
N GLY A 22 1.50 8.84 9.05
CA GLY A 22 2.55 8.25 8.22
C GLY A 22 2.07 7.05 7.45
N MET A 23 1.35 6.16 8.12
CA MET A 23 0.82 4.96 7.48
C MET A 23 -0.22 5.32 6.42
N ARG A 24 -1.10 6.24 6.76
CA ARG A 24 -2.15 6.66 5.83
C ARG A 24 -1.56 7.10 4.50
N ALA A 25 -0.55 7.96 4.56
CA ALA A 25 0.10 8.46 3.36
C ALA A 25 0.86 7.33 2.65
N CYS A 26 1.56 6.52 3.42
CA CYS A 26 2.32 5.41 2.86
C CYS A 26 1.41 4.47 2.07
N ILE A 27 0.36 3.99 2.72
CA ILE A 27 -0.59 3.09 2.09
C ILE A 27 -1.23 3.73 0.86
N GLY A 28 -1.61 5.00 1.00
CA GLY A 28 -2.23 5.72 -0.10
C GLY A 28 -1.37 5.72 -1.35
N LEU A 29 -0.07 5.93 -1.17
CA LEU A 29 0.87 5.96 -2.28
C LEU A 29 1.36 4.57 -2.62
N CYS A 30 1.16 3.63 -1.69
CA CYS A 30 1.59 2.26 -1.88
C CYS A 30 0.93 1.66 -3.12
N ALA A 31 -0.38 1.86 -3.25
CA ALA A 31 -1.11 1.34 -4.40
C ALA A 31 -0.56 1.88 -5.71
N PRO A 32 -0.61 3.21 -5.86
CA PRO A 32 -0.12 3.88 -7.06
C PRO A 32 1.27 3.40 -7.47
N ALA A 33 2.18 3.34 -6.51
CA ALA A 33 3.54 2.89 -6.77
C ALA A 33 3.56 1.45 -7.24
N CYS A 34 2.76 0.61 -6.60
CA CYS A 34 2.68 -0.81 -6.95
C CYS A 34 2.08 -0.99 -8.34
N LEU A 35 1.10 -0.14 -8.66
CA LEU A 35 0.44 -0.22 -9.97
C LEU A 35 1.38 0.21 -11.08
N THR A 36 2.17 1.25 -10.81
CA THR A 36 3.13 1.76 -11.80
C THR A 36 4.36 0.87 -11.89
N SER A 37 4.67 0.18 -10.78
CA SER A 37 5.83 -0.70 -10.74
C SER A 37 5.46 -2.10 -11.25
N ARG A 38 4.18 -2.43 -11.17
CA ARG A 38 3.70 -3.74 -11.62
C ARG A 38 3.00 -3.62 -12.98
N ASP A 1 -6.61 -10.58 -8.85
CA ASP A 1 -5.56 -10.32 -9.83
C ASP A 1 -4.31 -9.76 -9.15
N ARG A 2 -3.23 -9.63 -9.91
CA ARG A 2 -1.98 -9.10 -9.38
C ARG A 2 -2.22 -7.77 -8.67
N TYR A 3 -3.07 -6.93 -9.24
CA TYR A 3 -3.36 -5.63 -8.66
C TYR A 3 -3.94 -5.78 -7.25
N GLN A 4 -5.05 -6.49 -7.15
CA GLN A 4 -5.70 -6.71 -5.86
C GLN A 4 -4.70 -7.25 -4.83
N ASP A 5 -3.91 -8.23 -5.24
CA ASP A 5 -2.91 -8.83 -4.35
C ASP A 5 -1.86 -7.81 -3.96
N CYS A 6 -1.44 -6.99 -4.92
CA CYS A 6 -0.44 -5.96 -4.68
C CYS A 6 -0.89 -5.01 -3.58
N LEU A 7 -2.01 -4.34 -3.80
CA LEU A 7 -2.55 -3.39 -2.82
C LEU A 7 -2.86 -4.09 -1.51
N SER A 8 -3.40 -5.31 -1.60
CA SER A 8 -3.75 -6.07 -0.41
C SER A 8 -2.53 -6.25 0.49
N GLU A 9 -1.58 -7.07 0.05
CA GLU A 9 -0.37 -7.32 0.82
C GLU A 9 0.34 -6.02 1.17
N CYS A 10 0.25 -5.05 0.27
CA CYS A 10 0.89 -3.75 0.48
C CYS A 10 0.35 -3.08 1.74
N ASN A 11 -0.96 -2.81 1.75
CA ASN A 11 -1.59 -2.17 2.90
C ASN A 11 -1.44 -3.03 4.15
N SER A 12 -1.61 -4.33 3.99
CA SER A 12 -1.50 -5.25 5.12
C SER A 12 -0.06 -5.28 5.65
N ARG A 13 0.88 -4.93 4.79
CA ARG A 13 2.30 -4.91 5.17
C ARG A 13 2.70 -3.55 5.71
N CYS A 14 2.04 -2.50 5.20
CA CYS A 14 2.33 -1.14 5.63
C CYS A 14 1.49 -0.76 6.84
N THR A 15 0.50 -1.58 7.16
CA THR A 15 -0.38 -1.33 8.29
C THR A 15 0.36 -1.49 9.61
N TYR A 16 1.58 -2.00 9.53
CA TYR A 16 2.39 -2.21 10.73
C TYR A 16 3.07 -0.91 11.16
N ILE A 17 2.98 0.11 10.30
CA ILE A 17 3.59 1.40 10.59
C ILE A 17 2.79 2.16 11.65
N PRO A 18 3.44 2.50 12.76
CA PRO A 18 2.81 3.23 13.86
C PRO A 18 2.48 4.67 13.49
N ASP A 19 3.23 5.22 12.54
CA ASP A 19 3.03 6.59 12.10
C ASP A 19 1.79 6.70 11.21
N TYR A 20 0.80 7.46 11.67
CA TYR A 20 -0.44 7.64 10.93
C TYR A 20 -0.16 8.21 9.54
N ALA A 21 0.46 9.39 9.50
CA ALA A 21 0.78 10.05 8.24
C ALA A 21 1.59 9.13 7.33
N GLY A 22 2.54 8.40 7.91
CA GLY A 22 3.36 7.49 7.14
C GLY A 22 2.57 6.32 6.58
N MET A 23 1.69 5.76 7.41
CA MET A 23 0.87 4.63 7.01
C MET A 23 -0.14 5.05 5.94
N ARG A 24 -0.89 6.12 6.22
CA ARG A 24 -1.89 6.62 5.27
C ARG A 24 -1.24 7.01 3.95
N ALA A 25 -0.14 7.75 4.03
CA ALA A 25 0.57 8.20 2.84
C ALA A 25 1.16 7.01 2.09
N CYS A 26 1.61 6.00 2.83
CA CYS A 26 2.19 4.81 2.23
C CYS A 26 1.13 3.96 1.55
N ILE A 27 0.17 3.48 2.34
CA ILE A 27 -0.91 2.66 1.80
C ILE A 27 -1.70 3.40 0.74
N GLY A 28 -1.76 4.73 0.86
CA GLY A 28 -2.48 5.53 -0.11
C GLY A 28 -1.74 5.66 -1.43
N LEU A 29 -0.48 6.08 -1.36
CA LEU A 29 0.34 6.24 -2.56
C LEU A 29 0.76 4.89 -3.11
N CYS A 30 0.54 3.84 -2.33
CA CYS A 30 0.90 2.49 -2.75
C CYS A 30 0.16 2.10 -4.02
N ALA A 31 -1.14 2.38 -4.05
CA ALA A 31 -1.97 2.07 -5.20
C ALA A 31 -1.45 2.75 -6.46
N PRO A 32 -1.41 4.09 -6.43
CA PRO A 32 -0.95 4.90 -7.56
C PRO A 32 0.39 4.40 -8.11
N ALA A 33 1.34 4.15 -7.21
CA ALA A 33 2.66 3.65 -7.62
C ALA A 33 2.56 2.27 -8.24
N CYS A 34 1.83 1.37 -7.57
CA CYS A 34 1.64 0.01 -8.06
C CYS A 34 0.96 0.01 -9.42
N LEU A 35 0.05 0.94 -9.62
CA LEU A 35 -0.68 1.04 -10.88
C LEU A 35 0.22 1.51 -12.01
N THR A 36 1.00 2.56 -11.74
CA THR A 36 1.93 3.10 -12.73
C THR A 36 3.08 2.13 -12.99
N SER A 37 3.43 1.35 -11.97
CA SER A 37 4.52 0.39 -12.10
C SER A 37 4.03 -0.91 -12.74
N ARG A 38 2.74 -1.19 -12.57
CA ARG A 38 2.15 -2.40 -13.13
C ARG A 38 1.32 -2.08 -14.36
N ASP A 1 -6.00 -11.84 -7.81
CA ASP A 1 -5.00 -11.59 -8.83
C ASP A 1 -3.80 -10.83 -8.25
N ARG A 2 -2.70 -10.80 -8.99
CA ARG A 2 -1.51 -10.10 -8.55
C ARG A 2 -1.81 -8.64 -8.20
N TYR A 3 -2.69 -8.03 -8.99
CA TYR A 3 -3.06 -6.63 -8.77
C TYR A 3 -3.66 -6.45 -7.38
N GLN A 4 -4.75 -7.15 -7.12
CA GLN A 4 -5.43 -7.06 -5.83
C GLN A 4 -4.49 -7.47 -4.70
N ASP A 5 -3.77 -8.57 -4.91
CA ASP A 5 -2.83 -9.06 -3.90
C ASP A 5 -1.77 -8.03 -3.59
N CYS A 6 -1.32 -7.31 -4.63
CA CYS A 6 -0.29 -6.28 -4.47
C CYS A 6 -0.79 -5.15 -3.59
N LEU A 7 -1.90 -4.54 -4.00
CA LEU A 7 -2.48 -3.42 -3.25
C LEU A 7 -2.82 -3.85 -1.82
N SER A 8 -3.48 -4.99 -1.68
CA SER A 8 -3.86 -5.50 -0.38
C SER A 8 -2.63 -5.67 0.51
N GLU A 9 -1.76 -6.61 0.14
CA GLU A 9 -0.54 -6.87 0.90
C GLU A 9 0.24 -5.58 1.14
N CYS A 10 0.26 -4.71 0.13
CA CYS A 10 0.97 -3.45 0.23
C CYS A 10 0.54 -2.67 1.47
N ASN A 11 -0.73 -2.31 1.53
CA ASN A 11 -1.27 -1.56 2.65
C ASN A 11 -1.24 -2.41 3.93
N SER A 12 -1.63 -3.67 3.81
CA SER A 12 -1.66 -4.58 4.94
C SER A 12 -0.26 -4.76 5.52
N ARG A 13 0.76 -4.41 4.72
CA ARG A 13 2.14 -4.54 5.15
C ARG A 13 2.62 -3.25 5.80
N CYS A 14 2.34 -2.11 5.15
CA CYS A 14 2.74 -0.82 5.66
C CYS A 14 1.88 -0.40 6.85
N THR A 15 0.77 -1.10 7.03
CA THR A 15 -0.15 -0.81 8.14
C THR A 15 0.51 -1.08 9.48
N TYR A 16 1.68 -1.71 9.45
CA TYR A 16 2.40 -2.04 10.67
C TYR A 16 2.93 -0.78 11.34
N ILE A 17 2.91 0.33 10.61
CA ILE A 17 3.38 1.61 11.13
C ILE A 17 2.52 2.07 12.30
N PRO A 18 3.15 2.25 13.47
CA PRO A 18 2.47 2.70 14.69
C PRO A 18 2.02 4.15 14.59
N ASP A 19 2.12 4.72 13.41
CA ASP A 19 1.72 6.11 13.18
C ASP A 19 0.81 6.23 11.96
N TYR A 20 -0.43 6.64 12.19
CA TYR A 20 -1.40 6.78 11.11
C TYR A 20 -0.84 7.69 10.00
N ALA A 21 -0.05 8.68 10.41
CA ALA A 21 0.54 9.61 9.46
C ALA A 21 1.44 8.88 8.45
N GLY A 22 2.55 8.34 8.93
CA GLY A 22 3.47 7.64 8.06
C GLY A 22 2.78 6.53 7.28
N MET A 23 1.75 5.93 7.87
CA MET A 23 1.01 4.86 7.23
C MET A 23 0.17 5.40 6.08
N ARG A 24 -0.61 6.44 6.36
CA ARG A 24 -1.47 7.05 5.35
C ARG A 24 -0.66 7.48 4.14
N ALA A 25 0.50 8.08 4.38
CA ALA A 25 1.38 8.54 3.31
C ALA A 25 1.98 7.36 2.55
N CYS A 26 2.56 6.42 3.30
CA CYS A 26 3.18 5.25 2.70
C CYS A 26 2.16 4.48 1.84
N ILE A 27 1.04 4.12 2.46
CA ILE A 27 0.01 3.38 1.75
C ILE A 27 -0.68 4.25 0.70
N GLY A 28 -0.68 5.55 0.94
CA GLY A 28 -1.30 6.47 0.00
C GLY A 28 -0.55 6.56 -1.31
N LEU A 29 0.77 6.41 -1.25
CA LEU A 29 1.61 6.47 -2.44
C LEU A 29 1.94 5.07 -2.94
N CYS A 30 1.93 4.10 -2.03
CA CYS A 30 2.24 2.72 -2.37
C CYS A 30 1.22 2.18 -3.39
N ALA A 31 -0.05 2.44 -3.12
CA ALA A 31 -1.12 1.98 -4.01
C ALA A 31 -0.92 2.51 -5.43
N PRO A 32 -0.92 3.84 -5.57
CA PRO A 32 -0.74 4.49 -6.87
C PRO A 32 0.44 3.93 -7.65
N ALA A 33 1.58 3.78 -6.97
CA ALA A 33 2.78 3.25 -7.59
C ALA A 33 2.53 1.86 -8.17
N CYS A 34 2.00 0.97 -7.35
CA CYS A 34 1.71 -0.40 -7.78
C CYS A 34 0.59 -0.41 -8.82
N LEU A 35 -0.26 0.61 -8.77
CA LEU A 35 -1.37 0.70 -9.71
C LEU A 35 -0.88 0.92 -11.13
N THR A 36 -0.06 1.95 -11.32
CA THR A 36 0.49 2.26 -12.64
C THR A 36 1.61 1.29 -13.01
N SER A 37 2.26 0.72 -11.99
CA SER A 37 3.34 -0.23 -12.22
C SER A 37 2.79 -1.61 -12.55
N ARG A 38 1.57 -1.88 -12.10
CA ARG A 38 0.93 -3.16 -12.36
C ARG A 38 1.82 -4.32 -11.87
N ASP A 1 -7.27 -10.61 -7.91
CA ASP A 1 -6.57 -9.88 -8.97
C ASP A 1 -5.28 -9.26 -8.45
N ARG A 2 -4.41 -8.86 -9.37
CA ARG A 2 -3.13 -8.26 -9.00
C ARG A 2 -3.35 -7.01 -8.15
N TYR A 3 -4.41 -6.26 -8.45
CA TYR A 3 -4.72 -5.04 -7.72
C TYR A 3 -5.04 -5.35 -6.26
N GLN A 4 -6.05 -6.19 -6.05
CA GLN A 4 -6.45 -6.58 -4.71
C GLN A 4 -5.32 -7.29 -3.98
N ASP A 5 -4.48 -7.98 -4.73
CA ASP A 5 -3.35 -8.71 -4.15
C ASP A 5 -2.27 -7.74 -3.68
N CYS A 6 -1.78 -6.91 -4.59
CA CYS A 6 -0.75 -5.93 -4.26
C CYS A 6 -1.18 -5.05 -3.10
N LEU A 7 -2.44 -4.63 -3.12
CA LEU A 7 -2.97 -3.78 -2.05
C LEU A 7 -3.11 -4.55 -0.75
N SER A 8 -3.69 -5.74 -0.83
CA SER A 8 -3.88 -6.59 0.34
C SER A 8 -2.56 -6.79 1.08
N GLU A 9 -1.55 -7.27 0.37
CA GLU A 9 -0.24 -7.51 0.96
C GLU A 9 0.40 -6.20 1.41
N CYS A 10 0.27 -5.17 0.58
CA CYS A 10 0.84 -3.86 0.89
C CYS A 10 0.34 -3.35 2.24
N ASN A 11 -0.98 -3.29 2.38
CA ASN A 11 -1.59 -2.81 3.63
C ASN A 11 -1.14 -3.68 4.81
N SER A 12 -1.31 -4.99 4.67
CA SER A 12 -0.93 -5.92 5.72
C SER A 12 0.57 -5.86 5.99
N ARG A 13 1.31 -5.29 5.04
CA ARG A 13 2.76 -5.16 5.16
C ARG A 13 3.14 -3.87 5.85
N CYS A 14 2.48 -2.78 5.47
CA CYS A 14 2.74 -1.48 6.04
C CYS A 14 1.89 -1.24 7.30
N THR A 15 1.06 -2.23 7.64
CA THR A 15 0.21 -2.14 8.80
C THR A 15 1.02 -2.05 10.08
N TYR A 16 2.32 -2.24 9.96
CA TYR A 16 3.22 -2.19 11.11
C TYR A 16 3.43 -0.75 11.57
N ILE A 17 2.93 0.20 10.78
CA ILE A 17 3.07 1.61 11.09
C ILE A 17 1.88 2.11 11.90
N PRO A 18 2.11 2.38 13.19
CA PRO A 18 1.07 2.87 14.10
C PRO A 18 0.63 4.30 13.78
N ASP A 19 1.34 4.93 12.85
CA ASP A 19 1.02 6.30 12.45
C ASP A 19 0.00 6.31 11.32
N TYR A 20 -1.10 7.00 11.54
CA TYR A 20 -2.17 7.09 10.54
C TYR A 20 -1.65 7.73 9.26
N ALA A 21 -0.85 8.77 9.40
CA ALA A 21 -0.29 9.47 8.25
C ALA A 21 0.67 8.58 7.47
N GLY A 22 1.50 7.82 8.21
CA GLY A 22 2.45 6.94 7.58
C GLY A 22 1.78 5.83 6.79
N MET A 23 0.74 5.24 7.37
CA MET A 23 0.01 4.16 6.71
C MET A 23 -0.75 4.68 5.49
N ARG A 24 -1.37 5.85 5.63
CA ARG A 24 -2.13 6.45 4.56
C ARG A 24 -1.22 6.76 3.37
N ALA A 25 -0.07 7.36 3.64
CA ALA A 25 0.89 7.71 2.60
C ALA A 25 1.56 6.47 2.05
N CYS A 26 2.05 5.62 2.93
CA CYS A 26 2.72 4.38 2.54
C CYS A 26 1.79 3.47 1.75
N ILE A 27 0.65 3.15 2.35
CA ILE A 27 -0.33 2.28 1.71
C ILE A 27 -1.03 3.00 0.56
N GLY A 28 -1.06 4.34 0.64
CA GLY A 28 -1.70 5.11 -0.41
C GLY A 28 -0.77 5.37 -1.58
N LEU A 29 0.52 5.18 -1.37
CA LEU A 29 1.52 5.38 -2.41
C LEU A 29 1.97 4.05 -3.00
N CYS A 30 1.88 3.00 -2.21
CA CYS A 30 2.29 1.67 -2.65
C CYS A 30 1.43 1.21 -3.82
N ALA A 31 0.16 1.58 -3.81
CA ALA A 31 -0.76 1.22 -4.88
C ALA A 31 -0.40 1.91 -6.18
N PRO A 32 -0.44 3.26 -6.16
CA PRO A 32 -0.12 4.08 -7.34
C PRO A 32 1.17 3.65 -8.01
N ALA A 33 2.21 3.40 -7.21
CA ALA A 33 3.50 2.97 -7.74
C ALA A 33 3.43 1.53 -8.25
N CYS A 34 2.72 0.69 -7.51
CA CYS A 34 2.58 -0.72 -7.88
C CYS A 34 1.82 -0.87 -9.19
N LEU A 35 0.89 0.06 -9.43
CA LEU A 35 0.09 0.03 -10.65
C LEU A 35 0.84 0.68 -11.81
N THR A 36 1.58 1.75 -11.50
CA THR A 36 2.35 2.46 -12.52
C THR A 36 3.52 1.62 -13.00
N SER A 37 4.08 0.82 -12.10
CA SER A 37 5.23 -0.02 -12.44
C SER A 37 4.77 -1.44 -12.78
N ARG A 38 3.65 -1.84 -12.20
CA ARG A 38 3.10 -3.17 -12.44
C ARG A 38 4.09 -4.25 -12.01
N ASP A 1 -7.04 -8.95 -9.35
CA ASP A 1 -6.06 -9.97 -8.98
C ASP A 1 -4.79 -9.33 -8.43
N ARG A 2 -3.97 -8.80 -9.33
CA ARG A 2 -2.71 -8.17 -8.94
C ARG A 2 -2.98 -6.88 -8.17
N TYR A 3 -4.03 -6.17 -8.56
CA TYR A 3 -4.40 -4.91 -7.91
C TYR A 3 -4.85 -5.15 -6.48
N GLN A 4 -5.85 -6.01 -6.31
CA GLN A 4 -6.38 -6.33 -4.98
C GLN A 4 -5.31 -6.99 -4.13
N ASP A 5 -4.50 -7.85 -4.75
CA ASP A 5 -3.45 -8.55 -4.03
C ASP A 5 -2.34 -7.58 -3.59
N CYS A 6 -1.80 -6.84 -4.55
CA CYS A 6 -0.75 -5.87 -4.27
C CYS A 6 -1.17 -4.90 -3.19
N LEU A 7 -2.42 -4.43 -3.27
CA LEU A 7 -2.95 -3.49 -2.30
C LEU A 7 -3.18 -4.18 -0.96
N SER A 8 -3.94 -5.27 -0.97
CA SER A 8 -4.23 -6.01 0.24
C SER A 8 -2.96 -6.37 0.99
N GLU A 9 -1.94 -6.78 0.23
CA GLU A 9 -0.66 -7.16 0.82
C GLU A 9 0.06 -5.95 1.41
N CYS A 10 0.25 -4.93 0.58
CA CYS A 10 0.92 -3.70 1.02
C CYS A 10 0.21 -3.10 2.22
N ASN A 11 -1.11 -3.27 2.27
CA ASN A 11 -1.91 -2.74 3.36
C ASN A 11 -1.61 -3.48 4.66
N SER A 12 -1.88 -4.78 4.67
CA SER A 12 -1.66 -5.60 5.85
C SER A 12 -0.17 -5.66 6.19
N ARG A 13 0.67 -5.26 5.24
CA ARG A 13 2.11 -5.26 5.44
C ARG A 13 2.58 -3.93 6.02
N CYS A 14 2.01 -2.84 5.52
CA CYS A 14 2.38 -1.51 5.98
C CYS A 14 1.53 -1.10 7.18
N THR A 15 0.55 -1.94 7.52
CA THR A 15 -0.32 -1.67 8.65
C THR A 15 0.45 -1.67 9.97
N TYR A 16 1.68 -2.14 9.92
CA TYR A 16 2.53 -2.20 11.11
C TYR A 16 3.01 -0.80 11.50
N ILE A 17 2.83 0.16 10.59
CA ILE A 17 3.24 1.53 10.85
C ILE A 17 2.43 2.14 11.98
N PRO A 18 3.11 2.43 13.10
CA PRO A 18 2.47 3.03 14.28
C PRO A 18 2.05 4.47 14.05
N ASP A 19 2.06 4.89 12.79
CA ASP A 19 1.67 6.24 12.43
C ASP A 19 0.67 6.25 11.28
N TYR A 20 -0.54 6.69 11.57
CA TYR A 20 -1.60 6.74 10.57
C TYR A 20 -1.14 7.49 9.32
N ALA A 21 -0.46 8.62 9.54
CA ALA A 21 0.04 9.43 8.45
C ALA A 21 0.89 8.61 7.50
N GLY A 22 2.05 8.15 7.97
CA GLY A 22 2.94 7.36 7.16
C GLY A 22 2.24 6.17 6.53
N MET A 23 1.37 5.52 7.29
CA MET A 23 0.64 4.36 6.79
C MET A 23 -0.25 4.74 5.61
N ARG A 24 -1.05 5.79 5.79
CA ARG A 24 -1.95 6.25 4.73
C ARG A 24 -1.17 6.57 3.47
N ALA A 25 -0.03 7.23 3.63
CA ALA A 25 0.81 7.60 2.50
C ALA A 25 1.45 6.37 1.86
N CYS A 26 1.95 5.47 2.70
CA CYS A 26 2.58 4.25 2.21
C CYS A 26 1.59 3.38 1.44
N ILE A 27 0.48 3.04 2.09
CA ILE A 27 -0.56 2.23 1.47
C ILE A 27 -1.24 2.97 0.33
N GLY A 28 -1.36 4.29 0.48
CA GLY A 28 -1.99 5.10 -0.54
C GLY A 28 -1.10 5.31 -1.74
N LEU A 29 0.20 5.19 -1.54
CA LEU A 29 1.17 5.38 -2.62
C LEU A 29 1.57 4.03 -3.23
N CYS A 30 1.37 2.97 -2.46
CA CYS A 30 1.71 1.63 -2.92
C CYS A 30 0.90 1.25 -4.16
N ALA A 31 -0.41 1.52 -4.11
CA ALA A 31 -1.28 1.22 -5.23
C ALA A 31 -0.83 1.94 -6.51
N PRO A 32 -0.81 3.28 -6.45
CA PRO A 32 -0.39 4.11 -7.58
C PRO A 32 0.91 3.63 -8.21
N ALA A 33 1.93 3.43 -7.37
CA ALA A 33 3.23 2.97 -7.84
C ALA A 33 3.14 1.55 -8.40
N CYS A 34 2.43 0.70 -7.68
CA CYS A 34 2.26 -0.69 -8.09
C CYS A 34 1.55 -0.79 -9.43
N LEU A 35 0.69 0.19 -9.71
CA LEU A 35 -0.06 0.22 -10.95
C LEU A 35 0.83 0.71 -12.11
N THR A 36 1.49 1.83 -11.91
CA THR A 36 2.37 2.40 -12.93
C THR A 36 3.51 1.45 -13.25
N SER A 37 3.93 0.67 -12.26
CA SER A 37 5.02 -0.28 -12.43
C SER A 37 4.49 -1.64 -12.86
N ARG A 38 3.26 -1.94 -12.48
CA ARG A 38 2.63 -3.21 -12.83
C ARG A 38 3.44 -4.39 -12.26
#